data_9H94
#
_entry.id   9H94
#
_cell.length_a   1.00
_cell.length_b   1.00
_cell.length_c   1.00
_cell.angle_alpha   90.00
_cell.angle_beta   90.00
_cell.angle_gamma   90.00
#
_symmetry.space_group_name_H-M   'P 1'
#
loop_
_entity.id
_entity.type
_entity.pdbx_description
1 polymer 'Capsid protein VP1'
2 polymer 'Capsid protein VP0'
3 polymer 'Capsid protein VP3'
4 non-polymer SPHINGOSINE
5 water water
#
loop_
_entity_poly.entity_id
_entity_poly.type
_entity_poly.pdbx_seq_one_letter_code
_entity_poly.pdbx_strand_id
1 'polypeptide(L)'
;GLGDLIEGVVEGVTRNALTPLTPANNLPDTQSSGPAHSKEIPALTAVETGATNPLVPSDTVQTRHVIQKRTRSESTVESF
FARGACVAIIEVDNDAPTKRASKLFSVWKITYKDTVQLRRKLEFFTYSRFDMELTFVVTSNYTDANNGHALNQVYQIMFI
PPGAPIPGKWNDYTWQTSSNPSVFYTYGAPPARISVPYVGIANAYSHFYDGFAKVPLAGQASTEGDSLYGAASLNDFGSL
AVRVVNDHNPTKLTSKIRVYMKPKHVRVWCPRPPRAVPYYGPGVDYKDGLAPLPEKGLTTY
;
A
2 'polypeptide(L)'
;MGAQVSSQKVGAHENSNRAYGGSTINYTTINYYRDSASNAASKQDFAQDPSKFTEPIKDVLIKTAPTLNSPNIEACGYSD
RVMQLTLGNSTITTQEAANSVVAYGRWPEYIKDSEANPVDQPTEPDVAACRFYTLDTVTWRKESRGWWWKLPDALKDMGL
FGQNMFYHYLGRAGYTVHVQCNASKFHQGALGVFAVPEMCLAGDSTTHMFTKYENANPGEKGGEFKGSFTLDTNATNPAR
NFCPVDYLFGSGVLAGNAFVYPHQIINLRTNNCATLVLPYVNSLSIDSMTKHNNWGIAILPLAPLDFATESSTEIPITLT
IAPMCCEFNGLRNITVPRTQ
;
B
3 'polypeptide(L)'
;GLPVLNTPGSNQYLTADNYQSPCAIPEFDVTPPIDIPGEVRNMMELAEIDTMIPLNLTNQRKNTMDMYRVELNDAAHSDT
PILCFSLSPASDPRLAHTMLGEILNYYTHWAGSLKFTFLFCGSMMATGKLLVSYAPPGAEAPKSRKEAMLGTHVIWDIGL
QSSCTMVVPWISNTTYRLTINDSFTEGGYISMFYQTRVVVPLSTPRKMDILGFVSACNDFSVRLLRDTTHISQEAMPQ
;
C
#
loop_
_chem_comp.id
_chem_comp.type
_chem_comp.name
_chem_comp.formula
SPH non-polymer SPHINGOSINE 'C18 H37 N O2'
#
# COMPACT_ATOMS: atom_id res chain seq x y z
N GLN A 62 -19.38 -31.73 -3.76
CA GLN A 62 -20.53 -31.45 -4.61
C GLN A 62 -21.29 -30.24 -4.10
N THR A 63 -21.86 -29.46 -5.03
CA THR A 63 -22.58 -28.24 -4.71
C THR A 63 -23.95 -28.28 -5.36
N ARG A 64 -24.88 -27.52 -4.79
CA ARG A 64 -26.22 -27.38 -5.32
C ARG A 64 -26.29 -26.13 -6.21
N HIS A 65 -27.47 -25.90 -6.77
CA HIS A 65 -27.72 -24.70 -7.56
C HIS A 65 -28.28 -23.62 -6.64
N VAL A 66 -27.58 -22.49 -6.59
CA VAL A 66 -27.99 -21.34 -5.79
C VAL A 66 -28.08 -20.14 -6.71
N ILE A 67 -29.25 -19.50 -6.73
CA ILE A 67 -29.44 -18.27 -7.49
C ILE A 67 -28.94 -17.12 -6.64
N GLN A 68 -27.65 -16.81 -6.76
CA GLN A 68 -27.04 -15.81 -5.91
C GLN A 68 -27.60 -14.43 -6.21
N LYS A 69 -27.89 -13.67 -5.15
CA LYS A 69 -28.44 -12.34 -5.26
C LYS A 69 -27.53 -11.26 -4.68
N ARG A 70 -26.49 -11.64 -3.92
CA ARG A 70 -25.64 -10.66 -3.27
C ARG A 70 -24.86 -9.87 -4.31
N THR A 71 -24.79 -8.55 -4.12
CA THR A 71 -24.03 -7.66 -4.98
C THR A 71 -22.88 -7.04 -4.19
N ARG A 72 -21.98 -6.38 -4.90
CA ARG A 72 -20.82 -5.73 -4.33
C ARG A 72 -20.96 -4.21 -4.37
N SER A 73 -22.19 -3.73 -4.18
CA SER A 73 -22.46 -2.30 -4.32
C SER A 73 -21.70 -1.48 -3.27
N GLU A 74 -21.64 -1.97 -2.04
CA GLU A 74 -21.02 -1.20 -0.97
C GLU A 74 -19.50 -1.37 -0.92
N SER A 75 -18.92 -2.20 -1.78
CA SER A 75 -17.48 -2.35 -1.85
C SER A 75 -16.88 -1.70 -3.10
N THR A 76 -17.67 -0.96 -3.87
CA THR A 76 -17.10 -0.16 -4.94
C THR A 76 -16.19 0.90 -4.33
N VAL A 77 -15.18 1.31 -5.10
CA VAL A 77 -14.24 2.31 -4.59
C VAL A 77 -14.98 3.59 -4.23
N GLU A 78 -16.03 3.92 -4.97
CA GLU A 78 -16.85 5.08 -4.60
C GLU A 78 -17.43 4.90 -3.20
N SER A 79 -18.08 3.76 -2.96
CA SER A 79 -18.71 3.52 -1.65
C SER A 79 -17.67 3.43 -0.56
N PHE A 80 -16.53 2.79 -0.82
CA PHE A 80 -15.50 2.64 0.20
C PHE A 80 -15.00 4.00 0.70
N PHE A 81 -15.01 5.01 -0.16
CA PHE A 81 -14.57 6.35 0.22
C PHE A 81 -15.71 7.34 0.37
N ALA A 82 -16.97 6.89 0.33
CA ALA A 82 -18.12 7.78 0.37
C ALA A 82 -18.46 8.19 1.79
N ARG A 83 -17.47 8.72 2.51
CA ARG A 83 -17.66 9.15 3.89
C ARG A 83 -16.82 10.39 4.14
N GLY A 84 -17.33 11.29 4.96
CA GLY A 84 -16.54 12.40 5.44
C GLY A 84 -15.63 11.96 6.57
N ALA A 85 -14.33 12.17 6.42
CA ALA A 85 -13.35 11.77 7.41
C ALA A 85 -12.62 12.99 7.94
N CYS A 86 -12.46 13.07 9.26
CA CYS A 86 -11.77 14.20 9.87
C CYS A 86 -10.30 14.17 9.49
N VAL A 87 -9.83 15.25 8.86
CA VAL A 87 -8.44 15.36 8.45
C VAL A 87 -7.69 16.44 9.21
N ALA A 88 -8.37 17.25 10.02
CA ALA A 88 -7.68 18.31 10.74
C ALA A 88 -8.60 18.95 11.76
N ILE A 89 -7.99 19.45 12.83
CA ILE A 89 -8.66 20.20 13.87
C ILE A 89 -7.87 21.49 14.02
N ILE A 90 -8.41 22.59 13.50
CA ILE A 90 -7.73 23.88 13.45
C ILE A 90 -8.26 24.74 14.59
N GLU A 91 -7.39 25.13 15.50
CA GLU A 91 -7.78 25.90 16.68
C GLU A 91 -7.51 27.37 16.45
N VAL A 92 -8.51 28.21 16.72
CA VAL A 92 -8.36 29.65 16.65
C VAL A 92 -8.96 30.27 17.92
N ASP A 93 -8.59 31.50 18.18
CA ASP A 93 -9.06 32.23 19.35
C ASP A 93 -9.59 33.58 18.94
N ASN A 94 -10.72 33.97 19.52
CA ASN A 94 -11.22 35.33 19.48
C ASN A 94 -10.88 35.97 20.82
N ASP A 95 -9.94 36.91 20.80
CA ASP A 95 -9.39 37.48 22.02
C ASP A 95 -8.72 38.80 21.68
N ALA A 96 -8.37 39.55 22.72
CA ALA A 96 -7.65 40.80 22.50
C ALA A 96 -6.31 40.52 21.83
N PRO A 97 -5.89 41.34 20.87
CA PRO A 97 -4.63 41.05 20.16
C PRO A 97 -3.40 41.06 21.05
N THR A 98 -3.44 41.71 22.20
CA THR A 98 -2.26 41.91 23.03
C THR A 98 -2.04 40.79 24.04
N LYS A 99 -2.86 39.73 24.02
CA LYS A 99 -2.69 38.65 24.98
C LYS A 99 -1.43 37.83 24.70
N ARG A 100 -1.09 37.65 23.42
CA ARG A 100 0.15 36.98 23.01
C ARG A 100 0.12 35.48 23.22
N ALA A 101 -0.94 34.97 23.87
CA ALA A 101 -1.15 33.54 24.00
C ALA A 101 -2.28 33.03 23.13
N SER A 102 -3.14 33.93 22.65
CA SER A 102 -4.26 33.54 21.79
C SER A 102 -3.83 33.64 20.33
N LYS A 103 -4.10 32.57 19.57
CA LYS A 103 -3.84 32.55 18.14
C LYS A 103 -5.08 33.12 17.44
N LEU A 104 -4.99 34.37 17.01
CA LEU A 104 -6.13 35.00 16.36
C LEU A 104 -6.38 34.45 14.97
N PHE A 105 -5.42 33.73 14.38
CA PHE A 105 -5.63 33.05 13.12
C PHE A 105 -4.72 31.83 13.07
N SER A 106 -5.12 30.85 12.27
CA SER A 106 -4.39 29.60 12.16
C SER A 106 -4.29 29.19 10.70
N VAL A 107 -3.11 28.74 10.29
CA VAL A 107 -2.86 28.29 8.93
C VAL A 107 -2.57 26.79 8.97
N TRP A 108 -3.37 26.02 8.24
CA TRP A 108 -3.22 24.58 8.17
C TRP A 108 -2.93 24.17 6.74
N LYS A 109 -1.80 23.51 6.52
CA LYS A 109 -1.48 23.01 5.20
C LYS A 109 -2.41 21.85 4.85
N ILE A 110 -3.01 21.90 3.67
CA ILE A 110 -4.04 20.93 3.32
C ILE A 110 -3.40 19.57 3.06
N THR A 111 -3.85 18.57 3.80
CA THR A 111 -3.30 17.22 3.66
C THR A 111 -4.26 16.24 4.33
N TYR A 112 -4.18 14.99 3.92
CA TYR A 112 -4.90 13.90 4.56
C TYR A 112 -4.02 13.13 5.54
N LYS A 113 -2.78 13.56 5.76
CA LYS A 113 -1.82 12.79 6.55
C LYS A 113 -1.74 13.24 8.01
N ASP A 114 -2.52 14.22 8.43
CA ASP A 114 -2.56 14.58 9.84
C ASP A 114 -3.35 13.57 10.66
N THR A 115 -4.25 12.83 10.04
CA THR A 115 -4.97 11.72 10.67
C THR A 115 -4.65 10.44 9.91
N VAL A 116 -5.13 9.31 10.42
CA VAL A 116 -4.67 8.00 9.99
C VAL A 116 -5.75 7.23 9.23
N GLN A 117 -7.01 7.34 9.63
CA GLN A 117 -8.05 6.46 9.07
C GLN A 117 -8.17 6.69 7.57
N LEU A 118 -8.50 7.91 7.16
CA LEU A 118 -8.58 8.21 5.74
C LEU A 118 -7.24 7.96 5.06
N ARG A 119 -6.14 8.26 5.75
CA ARG A 119 -4.83 8.01 5.16
C ARG A 119 -4.64 6.54 4.81
N ARG A 120 -4.96 5.64 5.75
CA ARG A 120 -4.81 4.22 5.48
C ARG A 120 -5.71 3.79 4.33
N LYS A 121 -6.96 4.24 4.33
CA LYS A 121 -7.87 3.85 3.26
C LYS A 121 -7.34 4.31 1.90
N LEU A 122 -6.88 5.56 1.82
CA LEU A 122 -6.33 6.06 0.57
C LEU A 122 -5.09 5.26 0.16
N GLU A 123 -4.22 4.97 1.12
CA GLU A 123 -2.96 4.29 0.82
C GLU A 123 -3.12 2.81 0.57
N PHE A 124 -4.35 2.29 0.65
CA PHE A 124 -4.62 1.02 -0.03
C PHE A 124 -4.25 1.07 -1.51
N PHE A 125 -4.10 2.26 -2.09
CA PHE A 125 -3.84 2.41 -3.51
C PHE A 125 -2.65 3.33 -3.73
N THR A 126 -2.02 3.18 -4.90
CA THR A 126 -0.87 4.01 -5.23
C THR A 126 -1.30 5.35 -5.82
N TYR A 127 -2.26 5.34 -6.76
CA TYR A 127 -2.69 6.56 -7.41
C TYR A 127 -4.19 6.73 -7.26
N SER A 128 -4.63 7.98 -7.12
CA SER A 128 -6.05 8.28 -7.00
C SER A 128 -6.38 9.53 -7.79
N ARG A 129 -7.66 9.62 -8.16
CA ARG A 129 -8.19 10.77 -8.87
C ARG A 129 -9.63 10.95 -8.42
N PHE A 130 -9.91 12.08 -7.77
CA PHE A 130 -11.25 12.33 -7.26
C PHE A 130 -11.45 13.81 -7.04
N ASP A 131 -12.72 14.22 -7.07
CA ASP A 131 -13.10 15.51 -6.53
C ASP A 131 -13.19 15.39 -5.01
N MET A 132 -13.14 16.53 -4.33
CA MET A 132 -13.14 16.55 -2.88
C MET A 132 -14.30 17.38 -2.37
N GLU A 133 -14.95 16.89 -1.33
CA GLU A 133 -15.93 17.67 -0.58
C GLU A 133 -15.36 17.95 0.79
N LEU A 134 -15.29 19.23 1.16
CA LEU A 134 -14.82 19.65 2.47
C LEU A 134 -16.00 20.14 3.29
N THR A 135 -16.15 19.59 4.49
CA THR A 135 -17.18 20.00 5.44
C THR A 135 -16.49 20.50 6.70
N PHE A 136 -16.85 21.69 7.13
CA PHE A 136 -16.23 22.36 8.27
C PHE A 136 -17.23 22.40 9.41
N VAL A 137 -16.91 21.70 10.50
CA VAL A 137 -17.71 21.69 11.71
C VAL A 137 -17.02 22.61 12.71
N VAL A 138 -17.72 23.65 13.15
CA VAL A 138 -17.14 24.69 13.98
C VAL A 138 -17.76 24.61 15.36
N THR A 139 -16.92 24.45 16.37
CA THR A 139 -17.35 24.48 17.77
C THR A 139 -16.59 25.60 18.49
N SER A 140 -17.23 26.18 19.49
CA SER A 140 -16.62 27.26 20.24
C SER A 140 -17.04 27.17 21.70
N ASN A 141 -16.25 27.80 22.56
CA ASN A 141 -16.57 27.83 23.98
C ASN A 141 -15.89 29.02 24.64
N TYR A 142 -16.48 29.45 25.74
CA TYR A 142 -15.84 30.41 26.63
C TYR A 142 -14.66 29.76 27.34
N THR A 143 -13.67 30.58 27.67
CA THR A 143 -12.52 30.13 28.43
C THR A 143 -12.53 30.58 29.88
N ASP A 144 -13.38 31.53 30.24
CA ASP A 144 -13.53 31.96 31.62
C ASP A 144 -14.93 32.56 31.78
N ALA A 145 -15.35 32.71 33.03
CA ALA A 145 -16.71 33.10 33.34
C ALA A 145 -16.84 34.52 33.89
N ASN A 146 -15.73 35.21 34.12
CA ASN A 146 -15.74 36.49 34.83
C ASN A 146 -15.41 37.68 33.91
N ASN A 147 -15.70 37.56 32.61
CA ASN A 147 -15.43 38.64 31.69
C ASN A 147 -16.59 38.87 30.71
N GLY A 148 -17.81 38.65 31.16
CA GLY A 148 -18.96 38.92 30.33
C GLY A 148 -19.16 37.85 29.27
N HIS A 149 -19.95 38.21 28.26
CA HIS A 149 -20.40 37.27 27.23
C HIS A 149 -19.95 37.75 25.86
N ALA A 150 -20.36 37.02 24.84
CA ALA A 150 -19.94 37.30 23.47
C ALA A 150 -21.14 37.21 22.54
N LEU A 151 -21.04 37.91 21.42
CA LEU A 151 -22.03 37.81 20.36
C LEU A 151 -21.60 36.74 19.36
N ASN A 152 -22.57 36.25 18.59
CA ASN A 152 -22.31 35.12 17.70
C ASN A 152 -21.15 35.42 16.78
N GLN A 153 -20.22 34.48 16.69
CA GLN A 153 -18.99 34.68 15.94
C GLN A 153 -19.18 34.32 14.48
N VAL A 154 -18.43 35.02 13.62
CA VAL A 154 -18.34 34.69 12.21
C VAL A 154 -16.90 34.33 11.92
N TYR A 155 -16.70 33.24 11.19
CA TYR A 155 -15.38 32.70 10.89
C TYR A 155 -15.09 32.86 9.41
N GLN A 156 -13.88 33.28 9.08
CA GLN A 156 -13.40 33.27 7.71
C GLN A 156 -12.45 32.10 7.53
N ILE A 157 -12.73 31.27 6.52
CA ILE A 157 -11.86 30.17 6.13
C ILE A 157 -11.45 30.47 4.69
N MET A 158 -10.21 30.94 4.52
CA MET A 158 -9.71 31.34 3.21
C MET A 158 -8.78 30.26 2.68
N PHE A 159 -9.03 29.81 1.46
CA PHE A 159 -8.12 28.90 0.78
C PHE A 159 -6.99 29.72 0.17
N ILE A 160 -5.76 29.41 0.57
CA ILE A 160 -4.57 30.07 0.05
C ILE A 160 -3.87 29.06 -0.85
N PRO A 161 -4.05 29.14 -2.16
CA PRO A 161 -3.33 28.24 -3.06
C PRO A 161 -1.85 28.51 -3.03
N PRO A 162 -1.01 27.55 -3.41
CA PRO A 162 0.44 27.76 -3.36
C PRO A 162 0.84 29.02 -4.11
N GLY A 163 1.64 29.86 -3.45
CA GLY A 163 2.11 31.10 -4.01
C GLY A 163 1.38 32.34 -3.54
N ALA A 164 0.12 32.20 -3.12
CA ALA A 164 -0.62 33.35 -2.63
C ALA A 164 -0.10 33.77 -1.26
N PRO A 165 -0.15 35.06 -0.95
CA PRO A 165 0.44 35.53 0.31
C PRO A 165 -0.28 34.94 1.52
N ILE A 166 0.50 34.35 2.40
CA ILE A 166 -0.04 33.81 3.66
C ILE A 166 -0.29 34.97 4.62
N PRO A 167 -1.44 35.03 5.30
CA PRO A 167 -1.66 36.11 6.27
C PRO A 167 -0.61 36.07 7.38
N GLY A 168 -0.18 37.26 7.80
CA GLY A 168 0.76 37.39 8.89
C GLY A 168 0.09 37.86 10.16
N LYS A 169 -1.05 38.54 10.01
CA LYS A 169 -1.85 39.02 11.11
C LYS A 169 -3.31 38.72 10.84
N TRP A 170 -4.09 38.61 11.91
CA TRP A 170 -5.48 38.22 11.77
C TRP A 170 -6.28 39.21 10.94
N ASN A 171 -5.79 40.45 10.79
CA ASN A 171 -6.53 41.50 10.11
C ASN A 171 -5.68 42.19 9.03
N ASP A 172 -4.69 41.49 8.48
CA ASP A 172 -3.89 42.09 7.44
C ASP A 172 -4.64 42.09 6.10
N TYR A 173 -4.01 42.66 5.08
CA TYR A 173 -4.70 42.88 3.81
C TYR A 173 -5.14 41.57 3.17
N THR A 174 -4.42 40.47 3.41
CA THR A 174 -4.69 39.24 2.68
C THR A 174 -6.12 38.74 2.87
N TRP A 175 -6.75 39.08 4.00
CA TRP A 175 -8.10 38.61 4.25
C TRP A 175 -9.14 39.25 3.35
N GLN A 176 -8.77 40.28 2.58
CA GLN A 176 -9.66 40.81 1.56
C GLN A 176 -10.08 39.72 0.58
N THR A 177 -9.23 38.73 0.37
CA THR A 177 -9.56 37.50 -0.37
C THR A 177 -10.22 37.81 -1.71
N SER A 178 -9.64 38.77 -2.44
CA SER A 178 -10.22 39.17 -3.72
C SER A 178 -10.16 38.04 -4.75
N SER A 179 -9.14 37.19 -4.67
CA SER A 179 -8.99 36.08 -5.58
C SER A 179 -8.96 34.72 -4.90
N ASN A 180 -8.56 34.66 -3.63
CA ASN A 180 -8.67 33.43 -2.87
C ASN A 180 -10.14 33.13 -2.60
N PRO A 181 -10.60 31.90 -2.83
CA PRO A 181 -11.92 31.53 -2.32
C PRO A 181 -11.93 31.60 -0.80
N SER A 182 -12.99 32.18 -0.25
CA SER A 182 -13.20 32.24 1.19
C SER A 182 -14.62 31.81 1.50
N VAL A 183 -14.78 31.10 2.61
CA VAL A 183 -16.08 30.76 3.15
C VAL A 183 -16.23 31.49 4.47
N PHE A 184 -17.28 32.29 4.58
CA PHE A 184 -17.65 32.92 5.84
C PHE A 184 -18.74 32.07 6.47
N TYR A 185 -18.44 31.50 7.63
CA TYR A 185 -19.35 30.62 8.34
C TYR A 185 -19.88 31.33 9.58
N THR A 186 -21.19 31.29 9.77
CA THR A 186 -21.81 31.88 10.94
C THR A 186 -21.99 30.79 12.00
N TYR A 187 -21.57 31.09 13.21
CA TYR A 187 -21.63 30.09 14.27
C TYR A 187 -23.08 29.71 14.56
N GLY A 188 -23.32 28.41 14.70
CA GLY A 188 -24.64 27.87 14.87
C GLY A 188 -25.31 27.44 13.58
N ALA A 189 -24.83 27.93 12.44
CA ALA A 189 -25.31 27.45 11.16
C ALA A 189 -24.83 26.03 10.94
N PRO A 190 -25.48 25.28 10.05
CA PRO A 190 -25.00 23.94 9.75
C PRO A 190 -23.58 24.00 9.23
N PRO A 191 -22.79 22.94 9.46
CA PRO A 191 -21.38 22.98 9.07
C PRO A 191 -21.21 23.42 7.62
N ALA A 192 -20.22 24.30 7.40
CA ALA A 192 -19.99 24.81 6.06
C ALA A 192 -19.54 23.69 5.14
N ARG A 193 -19.81 23.83 3.84
CA ARG A 193 -19.41 22.80 2.89
C ARG A 193 -19.07 23.42 1.55
N ILE A 194 -17.97 22.94 0.98
CA ILE A 194 -17.57 23.31 -0.38
C ILE A 194 -17.11 22.05 -1.12
N SER A 195 -17.04 22.17 -2.44
CA SER A 195 -16.50 21.11 -3.28
C SER A 195 -15.40 21.68 -4.16
N VAL A 196 -14.45 20.82 -4.50
CA VAL A 196 -13.34 21.14 -5.38
C VAL A 196 -13.23 20.01 -6.39
N PRO A 197 -12.88 20.27 -7.63
CA PRO A 197 -12.64 19.18 -8.59
C PRO A 197 -11.28 18.56 -8.35
N TYR A 198 -10.92 17.62 -9.21
CA TYR A 198 -9.56 17.11 -9.20
C TYR A 198 -8.61 18.21 -9.65
N VAL A 199 -7.71 18.63 -8.77
CA VAL A 199 -6.85 19.77 -9.01
C VAL A 199 -5.38 19.37 -9.13
N GLY A 200 -5.09 18.07 -9.22
CA GLY A 200 -3.70 17.66 -9.33
C GLY A 200 -3.06 18.19 -10.61
N ILE A 201 -1.81 18.64 -10.49
CA ILE A 201 -1.06 19.02 -11.67
C ILE A 201 -0.64 17.80 -12.48
N ALA A 202 -0.65 16.62 -11.86
CA ALA A 202 -0.46 15.36 -12.59
C ALA A 202 -1.82 14.80 -12.99
N ASN A 203 -1.79 13.72 -13.77
CA ASN A 203 -3.02 13.07 -14.19
C ASN A 203 -3.67 12.26 -13.07
N ALA A 204 -2.98 12.09 -11.95
CA ALA A 204 -3.58 11.51 -10.75
C ALA A 204 -2.79 11.98 -9.55
N TYR A 205 -3.45 11.98 -8.39
CA TYR A 205 -2.73 12.19 -7.15
C TYR A 205 -1.81 11.00 -6.88
N SER A 206 -0.66 11.28 -6.30
CA SER A 206 0.33 10.26 -5.96
C SER A 206 0.34 10.09 -4.45
N HIS A 207 -0.13 8.93 -3.98
CA HIS A 207 -0.05 8.63 -2.55
C HIS A 207 1.37 8.24 -2.15
N PHE A 208 2.13 7.70 -3.08
CA PHE A 208 3.53 7.35 -2.85
C PHE A 208 4.34 7.86 -4.04
N TYR A 209 5.43 8.56 -3.74
CA TYR A 209 6.33 9.10 -4.75
C TYR A 209 7.74 8.61 -4.42
N ASP A 210 8.23 7.63 -5.18
CA ASP A 210 9.53 7.04 -4.93
C ASP A 210 10.61 7.85 -5.65
N GLY A 211 10.87 9.03 -5.11
CA GLY A 211 11.84 9.91 -5.74
C GLY A 211 12.10 11.16 -4.93
N PHE A 212 12.76 12.11 -5.57
CA PHE A 212 13.13 13.38 -4.95
C PHE A 212 12.66 14.53 -5.85
N ALA A 213 12.50 15.69 -5.23
CA ALA A 213 12.22 16.91 -5.99
C ALA A 213 13.47 17.43 -6.67
N LYS A 214 14.63 17.23 -6.07
CA LYS A 214 15.92 17.64 -6.64
C LYS A 214 16.81 16.42 -6.79
N VAL A 215 17.62 16.43 -7.86
CA VAL A 215 18.73 15.50 -8.00
C VAL A 215 20.00 16.24 -7.63
N PRO A 216 20.71 15.86 -6.57
CA PRO A 216 21.99 16.51 -6.30
C PRO A 216 22.97 16.26 -7.43
N LEU A 217 23.78 17.27 -7.74
CA LEU A 217 24.72 17.20 -8.84
C LEU A 217 26.15 17.23 -8.31
N ALA A 218 27.04 16.56 -9.04
CA ALA A 218 28.44 16.52 -8.64
C ALA A 218 29.00 17.94 -8.60
N GLY A 219 29.83 18.21 -7.59
CA GLY A 219 30.39 19.52 -7.39
C GLY A 219 29.55 20.44 -6.53
N GLN A 220 28.31 20.08 -6.24
CA GLN A 220 27.49 20.85 -5.31
C GLN A 220 27.80 20.45 -3.88
N ALA A 221 27.82 21.45 -2.99
CA ALA A 221 28.07 21.17 -1.59
C ALA A 221 26.96 20.29 -1.02
N SER A 222 27.19 19.79 0.20
CA SER A 222 26.22 18.90 0.82
C SER A 222 24.87 19.58 1.01
N THR A 223 24.88 20.86 1.41
CA THR A 223 23.64 21.57 1.66
C THR A 223 22.80 21.72 0.39
N GLU A 224 23.45 21.78 -0.78
CA GLU A 224 22.75 21.98 -2.03
C GLU A 224 22.33 20.64 -2.62
N GLY A 225 21.19 20.64 -3.31
CA GLY A 225 20.68 19.45 -3.94
C GLY A 225 20.01 18.47 -2.99
N ASP A 226 19.87 18.80 -1.71
CA ASP A 226 19.27 17.91 -0.73
C ASP A 226 17.79 18.23 -0.62
N SER A 227 16.96 17.21 -0.85
CA SER A 227 15.52 17.33 -0.68
C SER A 227 15.01 16.08 0.01
N LEU A 228 13.87 16.21 0.67
CA LEU A 228 13.32 15.09 1.43
C LEU A 228 12.92 13.96 0.49
N TYR A 229 13.19 12.72 0.93
CA TYR A 229 12.83 11.55 0.13
C TYR A 229 11.31 11.39 0.12
N GLY A 230 10.76 11.24 -1.08
CA GLY A 230 9.33 11.09 -1.24
C GLY A 230 8.53 12.37 -1.22
N ALA A 231 9.19 13.52 -1.18
CA ALA A 231 8.50 14.81 -1.14
C ALA A 231 8.53 15.44 -2.53
N ALA A 232 7.36 15.66 -3.11
CA ALA A 232 7.23 16.33 -4.38
C ALA A 232 6.06 17.31 -4.31
N SER A 233 6.09 18.31 -5.18
CA SER A 233 5.02 19.29 -5.24
C SER A 233 3.73 18.70 -5.82
N LEU A 234 3.72 17.41 -6.16
CA LEU A 234 2.50 16.75 -6.62
C LEU A 234 1.38 16.82 -5.59
N ASN A 235 1.72 17.01 -4.31
CA ASN A 235 0.72 17.12 -3.25
C ASN A 235 0.73 18.49 -2.58
N ASP A 236 1.27 19.51 -3.26
CA ASP A 236 1.25 20.86 -2.73
C ASP A 236 -0.08 21.51 -3.12
N PHE A 237 -1.03 21.49 -2.19
CA PHE A 237 -2.38 21.95 -2.46
C PHE A 237 -2.71 23.28 -1.79
N GLY A 238 -1.73 23.93 -1.18
CA GLY A 238 -1.97 25.17 -0.48
C GLY A 238 -2.37 24.95 0.96
N SER A 239 -3.02 25.96 1.54
CA SER A 239 -3.38 25.93 2.94
C SER A 239 -4.77 26.54 3.13
N LEU A 240 -5.29 26.36 4.34
CA LEU A 240 -6.48 27.05 4.81
C LEU A 240 -6.08 27.98 5.95
N ALA A 241 -6.45 29.25 5.83
CA ALA A 241 -6.23 30.24 6.87
C ALA A 241 -7.58 30.55 7.51
N VAL A 242 -7.65 30.38 8.82
CA VAL A 242 -8.91 30.48 9.56
C VAL A 242 -8.75 31.60 10.58
N ARG A 243 -9.75 32.49 10.62
CA ARG A 243 -9.80 33.54 11.63
C ARG A 243 -11.24 33.73 12.07
N VAL A 244 -11.40 34.39 13.21
CA VAL A 244 -12.69 34.89 13.65
C VAL A 244 -12.80 36.34 13.21
N VAL A 245 -13.79 36.63 12.37
CA VAL A 245 -13.91 37.96 11.79
C VAL A 245 -14.29 38.99 12.86
N ASN A 246 -15.04 38.57 13.88
CA ASN A 246 -15.48 39.49 14.92
C ASN A 246 -14.28 40.13 15.62
N ASP A 247 -14.43 41.41 15.96
CA ASP A 247 -13.54 42.01 16.94
C ASP A 247 -13.77 41.37 18.30
N HIS A 248 -12.73 41.38 19.12
CA HIS A 248 -12.75 40.61 20.35
C HIS A 248 -13.80 41.13 21.33
N ASN A 249 -14.38 40.22 22.09
CA ASN A 249 -15.21 40.54 23.23
C ASN A 249 -14.33 40.71 24.45
N PRO A 250 -14.89 41.20 25.57
CA PRO A 250 -14.10 41.31 26.80
C PRO A 250 -13.59 39.97 27.31
N THR A 251 -14.20 38.86 26.92
CA THR A 251 -13.78 37.54 27.35
C THR A 251 -13.23 36.75 26.18
N LYS A 252 -12.24 35.91 26.45
CA LYS A 252 -11.63 35.10 25.41
C LYS A 252 -12.55 33.95 25.02
N LEU A 253 -12.63 33.70 23.72
CA LEU A 253 -13.37 32.57 23.18
C LEU A 253 -12.43 31.71 22.37
N THR A 254 -12.58 30.39 22.47
CA THR A 254 -11.76 29.45 21.72
C THR A 254 -12.64 28.63 20.81
N SER A 255 -12.22 28.47 19.55
CA SER A 255 -12.98 27.72 18.57
C SER A 255 -12.09 26.70 17.90
N LYS A 256 -12.71 25.59 17.48
CA LYS A 256 -12.06 24.56 16.69
C LYS A 256 -12.88 24.32 15.44
N ILE A 257 -12.20 24.33 14.30
CA ILE A 257 -12.78 24.00 13.01
C ILE A 257 -12.27 22.61 12.64
N ARG A 258 -13.18 21.65 12.61
CA ARG A 258 -12.85 20.29 12.20
C ARG A 258 -13.13 20.17 10.71
N VAL A 259 -12.12 19.78 9.95
CA VAL A 259 -12.20 19.66 8.51
C VAL A 259 -12.45 18.19 8.18
N TYR A 260 -13.52 17.92 7.47
CA TYR A 260 -13.88 16.58 7.04
C TYR A 260 -13.79 16.50 5.53
N MET A 261 -13.10 15.48 5.04
CA MET A 261 -12.81 15.30 3.63
C MET A 261 -13.57 14.09 3.12
N LYS A 262 -14.24 14.25 1.98
CA LYS A 262 -14.91 13.13 1.32
C LYS A 262 -14.47 13.09 -0.14
N PRO A 263 -13.72 12.08 -0.56
CA PRO A 263 -13.49 11.89 -1.99
C PRO A 263 -14.77 11.51 -2.71
N LYS A 264 -14.95 12.06 -3.91
CA LYS A 264 -16.11 11.79 -4.74
C LYS A 264 -15.64 11.51 -6.16
N HIS A 265 -16.41 10.70 -6.87
CA HIS A 265 -16.07 10.28 -8.23
C HIS A 265 -14.66 9.71 -8.25
N VAL A 266 -14.45 8.72 -7.39
CA VAL A 266 -13.11 8.21 -7.10
C VAL A 266 -12.69 7.20 -8.16
N ARG A 267 -11.45 7.33 -8.62
CA ARG A 267 -10.77 6.31 -9.39
C ARG A 267 -9.43 6.05 -8.73
N VAL A 268 -9.03 4.78 -8.65
CA VAL A 268 -7.78 4.41 -7.99
C VAL A 268 -7.03 3.39 -8.84
N TRP A 269 -5.72 3.36 -8.65
CA TRP A 269 -4.83 2.50 -9.42
C TRP A 269 -3.75 1.92 -8.52
N CYS A 270 -3.34 0.70 -8.87
CA CYS A 270 -2.20 -0.02 -8.31
C CYS A 270 -2.35 -0.26 -6.82
N PRO A 271 -3.19 -1.21 -6.43
CA PRO A 271 -3.44 -1.44 -5.00
C PRO A 271 -2.17 -1.90 -4.28
N ARG A 272 -2.13 -1.60 -3.00
CA ARG A 272 -0.99 -1.84 -2.14
C ARG A 272 -1.47 -2.52 -0.87
N PRO A 273 -0.60 -3.28 -0.20
CA PRO A 273 -0.95 -3.77 1.12
C PRO A 273 -1.19 -2.61 2.07
N PRO A 274 -2.19 -2.71 2.95
CA PRO A 274 -2.47 -1.59 3.86
C PRO A 274 -1.38 -1.41 4.90
N ARG A 275 -1.31 -0.20 5.43
CA ARG A 275 -0.41 0.08 6.53
C ARG A 275 -0.68 -0.88 7.69
N ALA A 276 0.39 -1.51 8.18
CA ALA A 276 0.28 -2.51 9.23
C ALA A 276 0.87 -2.06 10.56
N VAL A 277 1.76 -1.09 10.56
CA VAL A 277 2.35 -0.56 11.79
C VAL A 277 1.99 0.91 11.87
N PRO A 278 2.07 1.50 13.06
CA PRO A 278 1.64 2.90 13.20
C PRO A 278 2.40 3.82 12.26
N TYR A 279 1.67 4.78 11.70
CA TYR A 279 2.29 5.78 10.84
C TYR A 279 3.30 6.60 11.64
N TYR A 280 4.37 7.02 10.97
CA TYR A 280 5.42 7.83 11.59
C TYR A 280 5.89 8.84 10.55
N GLY A 281 5.28 10.03 10.56
CA GLY A 281 5.61 11.08 9.63
C GLY A 281 4.84 10.98 8.33
N PRO A 282 5.04 11.96 7.45
CA PRO A 282 4.31 11.94 6.17
C PRO A 282 4.75 10.83 5.22
N GLY A 283 5.91 10.24 5.44
CA GLY A 283 6.41 9.18 4.58
C GLY A 283 5.95 7.81 5.01
N VAL A 284 6.73 6.80 4.60
CA VAL A 284 6.47 5.42 4.96
C VAL A 284 7.30 4.96 6.15
N ASP A 285 7.96 5.90 6.84
CA ASP A 285 8.84 5.53 7.94
C ASP A 285 8.06 4.89 9.08
N TYR A 286 8.73 4.00 9.81
CA TYR A 286 8.19 3.38 11.00
C TYR A 286 9.24 3.39 12.09
N LYS A 287 8.80 3.57 13.34
CA LYS A 287 9.71 3.46 14.47
C LYS A 287 9.18 2.53 15.55
N ASP A 288 7.88 2.63 15.85
CA ASP A 288 7.27 1.94 16.98
C ASP A 288 6.17 1.00 16.51
N GLY A 289 5.77 0.11 17.41
CA GLY A 289 4.70 -0.84 17.12
C GLY A 289 4.98 -1.73 15.94
N LEU A 290 6.18 -2.32 15.89
CA LEU A 290 6.61 -3.13 14.76
C LEU A 290 6.23 -4.59 14.92
N ALA A 291 5.39 -4.93 15.90
CA ALA A 291 4.98 -6.32 16.16
C ALA A 291 3.46 -6.38 16.21
N PRO A 292 2.79 -6.19 15.07
CA PRO A 292 1.32 -6.18 15.09
C PRO A 292 0.69 -7.56 15.29
N LEU A 293 1.33 -8.63 14.86
CA LEU A 293 0.73 -9.96 14.97
C LEU A 293 0.74 -10.43 16.42
N PRO A 294 -0.37 -10.96 16.94
CA PRO A 294 -0.34 -11.57 18.27
C PRO A 294 0.16 -13.01 18.22
N GLU A 295 0.27 -13.62 19.40
CA GLU A 295 0.73 -14.98 19.51
C GLU A 295 -0.43 -15.95 19.40
N LYS A 296 -0.23 -17.04 18.65
CA LYS A 296 -1.26 -18.04 18.44
C LYS A 296 -0.60 -19.36 18.06
N GLY A 297 -1.04 -20.44 18.70
CA GLY A 297 -0.45 -21.74 18.41
C GLY A 297 -0.73 -22.19 16.99
N LEU A 298 0.24 -22.93 16.43
CA LEU A 298 0.11 -23.39 15.05
C LEU A 298 -1.08 -24.34 14.88
N THR A 299 -1.36 -25.15 15.90
CA THR A 299 -2.45 -26.11 15.86
C THR A 299 -3.57 -25.75 16.82
N THR A 300 -3.77 -24.46 17.09
CA THR A 300 -4.83 -23.97 17.95
C THR A 300 -5.88 -23.30 17.09
N TYR A 301 -7.10 -23.84 17.11
CA TYR A 301 -8.18 -23.28 16.32
C TYR A 301 -8.58 -21.90 16.84
N GLN B 84 11.87 -18.24 -25.78
CA GLN B 84 13.00 -17.41 -26.18
C GLN B 84 12.57 -15.96 -26.42
N LEU B 85 13.03 -15.07 -25.56
CA LEU B 85 12.66 -13.66 -25.58
C LEU B 85 13.84 -12.85 -26.09
N THR B 86 13.64 -12.12 -27.19
CA THR B 86 14.71 -11.37 -27.83
C THR B 86 14.36 -9.89 -27.86
N LEU B 87 15.32 -9.06 -27.46
CA LEU B 87 15.19 -7.61 -27.54
C LEU B 87 16.52 -7.04 -28.04
N GLY B 88 16.48 -6.32 -29.13
CA GLY B 88 17.72 -5.80 -29.70
C GLY B 88 18.66 -6.95 -30.02
N ASN B 89 19.89 -6.84 -29.54
CA ASN B 89 20.90 -7.87 -29.76
C ASN B 89 20.92 -8.91 -28.65
N SER B 90 19.99 -8.86 -27.70
CA SER B 90 20.02 -9.71 -26.51
C SER B 90 18.92 -10.76 -26.60
N THR B 91 19.22 -11.97 -26.15
CA THR B 91 18.27 -13.07 -26.16
C THR B 91 18.35 -13.83 -24.85
N ILE B 92 17.19 -14.25 -24.34
CA ILE B 92 17.08 -15.03 -23.12
C ILE B 92 16.29 -16.30 -23.44
N THR B 93 16.77 -17.44 -22.98
CA THR B 93 16.10 -18.71 -23.18
C THR B 93 15.96 -19.48 -21.88
N ASN B 99 4.81 -18.59 -15.10
CA ASN B 99 6.24 -18.33 -15.24
C ASN B 99 6.50 -16.89 -15.66
N SER B 100 5.63 -16.36 -16.51
CA SER B 100 5.76 -15.00 -17.03
C SER B 100 4.52 -14.21 -16.64
N VAL B 101 4.72 -13.03 -16.07
CA VAL B 101 3.65 -12.20 -15.54
C VAL B 101 3.74 -10.83 -16.21
N VAL B 102 2.65 -10.40 -16.81
CA VAL B 102 2.50 -9.05 -17.32
C VAL B 102 1.78 -8.24 -16.24
N ALA B 103 2.49 -7.31 -15.61
CA ALA B 103 1.93 -6.55 -14.51
C ALA B 103 0.66 -5.84 -14.95
N TYR B 104 -0.43 -6.10 -14.23
CA TYR B 104 -1.73 -5.48 -14.48
C TYR B 104 -2.26 -5.79 -15.88
N GLY B 105 -1.79 -6.87 -16.49
CA GLY B 105 -2.24 -7.24 -17.81
C GLY B 105 -2.02 -6.16 -18.86
N ARG B 106 -1.04 -5.28 -18.65
CA ARG B 106 -0.79 -4.15 -19.55
C ARG B 106 0.64 -4.26 -20.08
N TRP B 107 0.76 -4.56 -21.36
CA TRP B 107 2.07 -4.58 -22.00
C TRP B 107 2.62 -3.15 -22.08
N PRO B 108 3.93 -2.98 -21.97
CA PRO B 108 4.52 -1.64 -22.16
C PRO B 108 4.20 -1.10 -23.54
N GLU B 109 4.00 0.21 -23.60
CA GLU B 109 3.57 0.89 -24.82
C GLU B 109 4.15 2.29 -24.85
N TYR B 110 4.20 2.86 -26.04
CA TYR B 110 4.66 4.23 -26.20
C TYR B 110 3.54 5.21 -25.85
N ILE B 111 3.93 6.45 -25.57
CA ILE B 111 2.96 7.49 -25.27
C ILE B 111 2.07 7.72 -26.47
N LYS B 112 0.76 7.67 -26.26
CA LYS B 112 -0.18 8.03 -27.31
C LYS B 112 -0.17 9.54 -27.52
N ASP B 113 -0.46 9.96 -28.76
CA ASP B 113 -0.51 11.39 -29.04
C ASP B 113 -1.50 12.10 -28.14
N SER B 114 -2.54 11.40 -27.69
CA SER B 114 -3.57 12.00 -26.83
C SER B 114 -3.14 12.08 -25.37
N GLU B 115 -2.00 11.48 -24.99
CA GLU B 115 -1.51 11.54 -23.62
C GLU B 115 -0.16 12.24 -23.51
N ALA B 116 0.39 12.75 -24.61
CA ALA B 116 1.73 13.30 -24.60
C ALA B 116 1.72 14.71 -23.99
N ASN B 117 2.40 14.88 -22.87
CA ASN B 117 2.53 16.21 -22.26
C ASN B 117 3.60 17.03 -22.96
N PRO B 118 4.84 16.56 -23.06
CA PRO B 118 5.88 17.36 -23.74
C PRO B 118 5.61 17.47 -25.22
N VAL B 119 6.08 18.58 -25.80
CA VAL B 119 5.81 18.88 -27.21
C VAL B 119 7.02 18.62 -28.11
N ASP B 120 8.23 18.60 -27.57
CA ASP B 120 9.40 18.34 -28.39
C ASP B 120 9.39 16.90 -28.92
N GLN B 121 10.09 16.69 -30.02
CA GLN B 121 10.16 15.36 -30.63
C GLN B 121 10.87 14.41 -29.66
N PRO B 122 10.22 13.32 -29.23
CA PRO B 122 10.89 12.38 -28.33
C PRO B 122 12.03 11.65 -29.01
N THR B 123 12.98 11.22 -28.20
CA THR B 123 14.05 10.34 -28.62
C THR B 123 13.66 8.90 -28.30
N GLU B 124 13.77 8.01 -29.29
CA GLU B 124 13.40 6.61 -29.14
C GLU B 124 14.59 5.76 -29.58
N PRO B 125 15.57 5.53 -28.69
CA PRO B 125 16.77 4.79 -29.10
C PRO B 125 16.49 3.35 -29.53
N ASP B 126 15.35 2.79 -29.15
CA ASP B 126 14.92 1.46 -29.58
C ASP B 126 16.00 0.45 -29.18
N VAL B 127 16.55 -0.35 -30.11
CA VAL B 127 17.35 -1.51 -29.74
C VAL B 127 18.60 -1.11 -28.98
N ALA B 128 19.21 0.02 -29.36
CA ALA B 128 20.46 0.43 -28.73
C ALA B 128 20.33 0.52 -27.21
N ALA B 129 19.15 0.93 -26.73
CA ALA B 129 18.89 1.01 -25.30
C ALA B 129 17.87 -0.01 -24.82
N CYS B 130 16.90 -0.38 -25.65
CA CYS B 130 15.88 -1.36 -25.28
C CYS B 130 16.44 -2.75 -25.50
N ARG B 131 17.23 -3.20 -24.52
CA ARG B 131 17.90 -4.49 -24.58
C ARG B 131 18.14 -4.97 -23.16
N PHE B 132 18.39 -6.28 -23.04
CA PHE B 132 18.62 -6.86 -21.73
C PHE B 132 20.02 -6.50 -21.22
N TYR B 133 20.07 -5.94 -20.02
CA TYR B 133 21.30 -5.70 -19.29
C TYR B 133 21.32 -6.60 -18.06
N THR B 134 22.45 -7.23 -17.80
CA THR B 134 22.59 -8.17 -16.70
C THR B 134 23.27 -7.46 -15.53
N LEU B 135 22.57 -7.36 -14.41
CA LEU B 135 23.11 -6.72 -13.22
C LEU B 135 24.13 -7.63 -12.55
N ASP B 136 24.85 -7.06 -11.60
CA ASP B 136 25.76 -7.86 -10.79
C ASP B 136 24.99 -8.93 -10.03
N THR B 137 25.51 -10.15 -10.03
CA THR B 137 24.84 -11.27 -9.39
C THR B 137 24.96 -11.17 -7.88
N VAL B 138 23.88 -11.48 -7.19
CA VAL B 138 23.87 -11.52 -5.73
C VAL B 138 23.86 -12.97 -5.27
N THR B 139 24.12 -13.19 -3.99
CA THR B 139 24.24 -14.53 -3.44
C THR B 139 23.12 -14.78 -2.45
N TRP B 140 22.33 -15.83 -2.69
CA TRP B 140 21.30 -16.28 -1.78
C TRP B 140 21.91 -17.29 -0.82
N ARG B 141 21.89 -16.96 0.47
CA ARG B 141 22.36 -17.82 1.53
C ARG B 141 21.21 -18.17 2.45
N LYS B 142 21.45 -19.11 3.36
CA LYS B 142 20.43 -19.46 4.35
C LYS B 142 20.01 -18.24 5.15
N GLU B 143 20.93 -17.32 5.40
CA GLU B 143 20.67 -16.14 6.24
C GLU B 143 20.18 -14.93 5.46
N SER B 144 20.08 -15.02 4.13
CA SER B 144 19.66 -13.86 3.34
C SER B 144 18.25 -13.43 3.73
N ARG B 145 18.06 -12.13 3.90
CA ARG B 145 16.74 -11.58 4.22
C ARG B 145 16.00 -11.07 2.99
N GLY B 146 16.72 -10.66 1.95
CA GLY B 146 16.09 -10.17 0.74
C GLY B 146 16.93 -9.10 0.09
N TRP B 147 16.50 -8.73 -1.12
CA TRP B 147 17.20 -7.77 -1.95
C TRP B 147 16.18 -6.81 -2.57
N TRP B 148 16.65 -5.61 -2.90
CA TRP B 148 15.78 -4.66 -3.57
C TRP B 148 16.59 -3.82 -4.55
N TRP B 149 15.95 -3.46 -5.66
CA TRP B 149 16.50 -2.56 -6.66
C TRP B 149 15.42 -1.55 -7.03
N LYS B 150 15.85 -0.44 -7.61
CA LYS B 150 14.93 0.56 -8.12
C LYS B 150 15.18 0.75 -9.61
N LEU B 151 14.09 0.87 -10.36
CA LEU B 151 14.11 1.12 -11.79
C LEU B 151 13.50 2.47 -12.07
N PRO B 152 14.14 3.31 -12.90
CA PRO B 152 15.33 3.02 -13.73
C PRO B 152 16.68 3.17 -13.01
N ASP B 153 16.73 3.30 -11.69
CA ASP B 153 18.01 3.56 -11.03
C ASP B 153 19.00 2.43 -11.27
N ALA B 154 18.54 1.18 -11.23
CA ALA B 154 19.45 0.05 -11.38
C ALA B 154 20.14 0.03 -12.74
N LEU B 155 19.55 0.66 -13.75
CA LEU B 155 20.09 0.66 -15.10
C LEU B 155 20.79 1.96 -15.47
N LYS B 156 21.01 2.85 -14.51
CA LYS B 156 21.52 4.18 -14.83
C LYS B 156 22.91 4.15 -15.45
N ASP B 157 23.67 3.07 -15.23
CA ASP B 157 25.01 2.91 -15.81
C ASP B 157 25.05 1.82 -16.88
N MET B 158 23.93 1.55 -17.53
CA MET B 158 23.84 0.48 -18.52
C MET B 158 23.91 1.08 -19.91
N GLY B 159 25.14 1.34 -20.36
CA GLY B 159 25.39 1.75 -21.73
C GLY B 159 24.54 2.90 -22.23
N LEU B 160 23.96 2.71 -23.42
CA LEU B 160 23.24 3.79 -24.08
C LEU B 160 21.94 4.13 -23.37
N PHE B 161 21.33 3.17 -22.68
CA PHE B 161 20.15 3.51 -21.88
C PHE B 161 20.53 4.51 -20.80
N GLY B 162 21.63 4.26 -20.09
CA GLY B 162 22.08 5.22 -19.09
C GLY B 162 22.45 6.56 -19.69
N GLN B 163 23.11 6.53 -20.86
CA GLN B 163 23.46 7.79 -21.51
C GLN B 163 22.21 8.60 -21.85
N ASN B 164 21.22 7.96 -22.47
CA ASN B 164 19.99 8.66 -22.81
C ASN B 164 19.27 9.14 -21.56
N MET B 165 19.28 8.34 -20.50
CA MET B 165 18.63 8.74 -19.26
C MET B 165 19.26 10.00 -18.69
N PHE B 166 20.58 10.08 -18.68
CA PHE B 166 21.24 11.24 -18.09
C PHE B 166 21.34 12.43 -19.03
N TYR B 167 21.12 12.24 -20.33
CA TYR B 167 21.15 13.35 -21.26
C TYR B 167 19.80 14.02 -21.46
N HIS B 168 18.72 13.45 -20.92
CA HIS B 168 17.38 13.96 -21.14
C HIS B 168 16.73 14.33 -19.82
N TYR B 169 15.97 15.43 -19.84
CA TYR B 169 15.18 15.82 -18.68
C TYR B 169 14.10 14.79 -18.37
N LEU B 170 13.45 14.25 -19.39
CA LEU B 170 12.31 13.36 -19.24
C LEU B 170 12.60 12.00 -19.85
N GLY B 171 12.17 10.96 -19.17
CA GLY B 171 12.33 9.60 -19.67
C GLY B 171 11.18 8.73 -19.26
N ARG B 172 10.86 7.75 -20.11
CA ARG B 172 9.78 6.81 -19.88
C ARG B 172 10.20 5.44 -20.40
N ALA B 173 9.95 4.40 -19.61
CA ALA B 173 10.26 3.05 -20.06
C ALA B 173 9.50 2.04 -19.21
N GLY B 174 8.99 1.00 -19.86
CA GLY B 174 8.64 -0.22 -19.19
C GLY B 174 9.87 -1.09 -19.01
N TYR B 175 9.65 -2.29 -18.50
CA TYR B 175 10.76 -3.20 -18.27
C TYR B 175 10.34 -4.64 -18.47
N THR B 176 11.31 -5.48 -18.81
CA THR B 176 11.21 -6.93 -18.69
C THR B 176 12.27 -7.34 -17.68
N VAL B 177 11.85 -7.83 -16.52
CA VAL B 177 12.73 -8.26 -15.46
C VAL B 177 12.78 -9.78 -15.48
N HIS B 178 13.98 -10.33 -15.57
CA HIS B 178 14.20 -11.77 -15.64
C HIS B 178 15.12 -12.14 -14.47
N VAL B 179 14.55 -12.72 -13.44
CA VAL B 179 15.31 -13.21 -12.29
C VAL B 179 15.69 -14.65 -12.56
N GLN B 180 16.97 -14.96 -12.42
CA GLN B 180 17.53 -16.26 -12.75
C GLN B 180 18.17 -16.86 -11.50
N CYS B 181 17.69 -18.03 -11.10
CA CYS B 181 18.20 -18.69 -9.90
C CYS B 181 17.96 -20.19 -10.06
N ASN B 182 19.00 -20.93 -10.42
CA ASN B 182 18.92 -22.36 -10.60
C ASN B 182 19.63 -23.08 -9.45
N ALA B 183 19.12 -24.25 -9.14
CA ALA B 183 19.68 -25.10 -8.09
C ALA B 183 19.39 -26.55 -8.48
N SER B 184 19.82 -27.48 -7.62
CA SER B 184 19.61 -28.88 -7.90
C SER B 184 18.22 -29.33 -7.47
N LYS B 185 17.85 -30.54 -7.91
CA LYS B 185 16.61 -31.15 -7.42
C LYS B 185 16.68 -31.45 -5.93
N PHE B 186 17.88 -31.43 -5.35
CA PHE B 186 18.07 -31.67 -3.93
C PHE B 186 18.16 -30.39 -3.12
N HIS B 187 18.07 -29.23 -3.76
CA HIS B 187 17.94 -27.96 -3.05
C HIS B 187 16.46 -27.68 -2.80
N GLN B 188 16.21 -26.78 -1.84
CA GLN B 188 14.87 -26.30 -1.58
C GLN B 188 14.93 -24.83 -1.18
N GLY B 189 13.84 -24.14 -1.39
CA GLY B 189 13.72 -22.73 -1.11
C GLY B 189 12.81 -22.08 -2.12
N ALA B 190 12.30 -20.91 -1.75
CA ALA B 190 11.39 -20.18 -2.62
C ALA B 190 11.67 -18.69 -2.49
N LEU B 191 11.62 -17.99 -3.61
CA LEU B 191 11.76 -16.55 -3.67
C LEU B 191 10.46 -15.92 -4.16
N GLY B 192 10.03 -14.86 -3.49
CA GLY B 192 8.99 -14.00 -4.01
C GLY B 192 9.63 -12.81 -4.68
N VAL B 193 9.35 -12.65 -5.98
CA VAL B 193 9.83 -11.53 -6.77
C VAL B 193 8.65 -10.61 -6.99
N PHE B 194 8.72 -9.41 -6.44
CA PHE B 194 7.63 -8.44 -6.49
C PHE B 194 8.09 -7.20 -7.24
N ALA B 195 7.27 -6.75 -8.19
CA ALA B 195 7.45 -5.46 -8.84
C ALA B 195 6.44 -4.49 -8.23
N VAL B 196 6.94 -3.45 -7.59
CA VAL B 196 6.15 -2.54 -6.78
C VAL B 196 6.19 -1.16 -7.42
N PRO B 197 5.06 -0.60 -7.87
CA PRO B 197 5.08 0.80 -8.32
C PRO B 197 5.25 1.73 -7.13
N GLU B 198 6.15 2.71 -7.28
CA GLU B 198 6.41 3.69 -6.23
C GLU B 198 6.85 2.99 -4.94
N MET B 199 7.89 2.17 -5.04
CA MET B 199 8.35 1.37 -3.91
C MET B 199 9.14 2.26 -2.96
N CYS B 200 8.40 3.03 -2.16
CA CYS B 200 9.02 3.84 -1.14
C CYS B 200 9.45 2.96 0.04
N LEU B 201 10.64 3.24 0.56
CA LEU B 201 11.21 2.45 1.65
C LEU B 201 11.40 3.32 2.90
N ALA B 202 11.25 2.68 4.05
CA ALA B 202 11.37 3.38 5.32
C ALA B 202 12.82 3.76 5.59
N GLY B 203 12.99 4.88 6.30
CA GLY B 203 14.31 5.37 6.66
C GLY B 203 14.89 4.66 7.87
N ASP B 204 15.98 5.22 8.38
CA ASP B 204 16.71 4.65 9.51
C ASP B 204 16.84 5.63 10.67
N SER B 205 16.08 6.72 10.66
CA SER B 205 16.27 7.80 11.62
C SER B 205 14.93 8.32 12.10
N THR B 206 14.97 9.02 13.24
CA THR B 206 13.77 9.68 13.75
C THR B 206 13.36 10.86 12.88
N THR B 207 14.27 11.38 12.05
CA THR B 207 13.93 12.43 11.11
C THR B 207 13.17 11.81 9.93
N HIS B 208 12.01 12.36 9.63
CA HIS B 208 11.16 11.80 8.59
C HIS B 208 11.76 12.05 7.21
N MET B 209 11.63 11.05 6.34
CA MET B 209 11.95 11.21 4.92
C MET B 209 13.37 11.72 4.72
N PHE B 210 14.30 11.18 5.51
CA PHE B 210 15.65 11.71 5.62
C PHE B 210 16.67 10.92 4.81
N THR B 211 16.26 9.88 4.10
CA THR B 211 17.20 9.10 3.29
C THR B 211 17.71 9.94 2.13
N LYS B 212 19.02 10.09 2.03
CA LYS B 212 19.59 10.96 1.02
C LYS B 212 19.60 10.30 -0.34
N TYR B 213 19.78 11.13 -1.37
CA TYR B 213 19.64 10.66 -2.75
C TYR B 213 20.62 9.53 -3.06
N GLU B 214 21.86 9.64 -2.58
CA GLU B 214 22.87 8.65 -2.90
C GLU B 214 22.46 7.27 -2.40
N ASN B 215 21.94 7.19 -1.18
CA ASN B 215 21.53 5.90 -0.62
C ASN B 215 20.21 5.42 -1.21
N ALA B 216 19.30 6.34 -1.56
CA ALA B 216 18.04 5.93 -2.16
C ALA B 216 18.21 5.43 -3.58
N ASN B 217 19.34 5.73 -4.22
CA ASN B 217 19.62 5.33 -5.60
C ASN B 217 20.96 4.60 -5.64
N PRO B 218 21.00 3.37 -5.12
CA PRO B 218 22.29 2.64 -5.08
C PRO B 218 22.78 2.17 -6.44
N GLY B 219 21.95 2.16 -7.46
CA GLY B 219 22.35 1.66 -8.77
C GLY B 219 22.16 0.16 -8.90
N GLU B 220 22.96 -0.48 -9.75
CA GLU B 220 22.75 -1.90 -10.03
C GLU B 220 22.95 -2.77 -8.80
N LYS B 221 23.78 -2.34 -7.85
CA LYS B 221 24.02 -3.17 -6.68
C LYS B 221 22.77 -3.31 -5.83
N GLY B 222 21.86 -2.34 -5.91
CA GLY B 222 20.64 -2.42 -5.13
C GLY B 222 20.92 -2.36 -3.63
N GLY B 223 19.97 -2.89 -2.87
CA GLY B 223 20.11 -2.97 -1.43
C GLY B 223 19.48 -4.25 -0.90
N GLU B 224 19.62 -4.44 0.41
CA GLU B 224 19.13 -5.65 1.06
C GLU B 224 18.14 -5.28 2.17
N PHE B 225 17.16 -6.15 2.35
CA PHE B 225 16.25 -6.05 3.49
C PHE B 225 16.95 -6.52 4.76
N LYS B 226 16.46 -6.07 5.90
CA LYS B 226 16.97 -6.45 7.20
C LYS B 226 15.93 -7.27 7.96
N GLY B 227 16.42 -8.06 8.91
CA GLY B 227 15.53 -8.81 9.77
C GLY B 227 14.74 -7.92 10.72
N SER B 228 15.39 -6.91 11.27
CA SER B 228 14.76 -6.04 12.27
C SER B 228 15.12 -4.59 11.96
N PHE B 229 14.45 -3.69 12.67
CA PHE B 229 14.68 -2.25 12.51
C PHE B 229 15.73 -1.79 13.51
N THR B 230 16.77 -1.13 13.00
CA THR B 230 17.81 -0.54 13.82
C THR B 230 17.80 0.97 13.59
N LEU B 231 17.37 1.71 14.60
CA LEU B 231 17.40 3.17 14.51
C LEU B 231 18.83 3.67 14.50
N ASP B 232 19.13 4.58 13.58
CA ASP B 232 20.47 5.16 13.46
C ASP B 232 20.60 6.29 14.47
N THR B 233 21.47 6.10 15.46
CA THR B 233 21.63 7.05 16.56
C THR B 233 22.79 8.02 16.36
N ASN B 234 23.50 7.93 15.25
CA ASN B 234 24.62 8.83 14.99
C ASN B 234 24.08 10.20 14.60
N ALA B 235 24.25 11.18 15.48
CA ALA B 235 23.77 12.53 15.23
C ALA B 235 24.76 13.37 14.41
N THR B 236 26.05 13.16 14.60
CA THR B 236 27.04 13.93 13.86
C THR B 236 27.00 13.58 12.38
N ASN B 237 27.07 12.30 12.05
CA ASN B 237 27.16 11.82 10.67
C ASN B 237 26.09 10.76 10.45
N PRO B 238 24.82 11.16 10.40
CA PRO B 238 23.76 10.16 10.23
C PRO B 238 23.91 9.40 8.92
N ALA B 239 23.65 8.09 8.99
CA ALA B 239 23.75 7.26 7.79
C ALA B 239 22.77 7.73 6.72
N ARG B 240 21.60 8.19 7.13
CA ARG B 240 20.57 8.67 6.21
C ARG B 240 20.29 7.63 5.12
N ASN B 241 20.12 6.39 5.55
CA ASN B 241 19.92 5.27 4.65
C ASN B 241 18.59 4.61 4.94
N PHE B 242 18.11 3.81 3.98
CA PHE B 242 16.93 2.99 4.22
C PHE B 242 17.24 1.95 5.29
N CYS B 243 16.19 1.57 6.01
CA CYS B 243 16.22 0.41 6.92
C CYS B 243 15.01 -0.44 6.62
N PRO B 244 14.98 -1.11 5.47
CA PRO B 244 13.79 -1.85 5.06
C PRO B 244 13.72 -3.22 5.74
N VAL B 245 12.73 -3.39 6.61
CA VAL B 245 12.55 -4.64 7.33
C VAL B 245 11.75 -5.61 6.47
N ASP B 246 12.20 -6.87 6.43
CA ASP B 246 11.67 -7.82 5.46
C ASP B 246 10.18 -8.11 5.70
N TYR B 247 9.81 -8.45 6.93
CA TYR B 247 8.41 -8.80 7.20
C TYR B 247 7.50 -7.58 7.13
N LEU B 248 8.05 -6.37 7.21
CA LEU B 248 7.30 -5.15 6.93
C LEU B 248 7.44 -4.71 5.49
N PHE B 249 8.02 -5.56 4.63
CA PHE B 249 8.20 -5.25 3.21
C PHE B 249 8.92 -3.91 3.02
N GLY B 250 9.73 -3.53 3.99
CA GLY B 250 10.52 -2.32 3.93
C GLY B 250 9.73 -1.03 4.01
N SER B 251 8.40 -1.10 4.14
CA SER B 251 7.59 0.12 4.14
C SER B 251 6.45 0.07 5.14
N GLY B 252 6.53 -0.78 6.17
CA GLY B 252 5.49 -0.81 7.18
C GLY B 252 4.21 -1.52 6.77
N VAL B 253 4.30 -2.49 5.87
CA VAL B 253 3.17 -3.33 5.50
C VAL B 253 3.61 -4.78 5.61
N LEU B 254 2.68 -5.67 5.96
CA LEU B 254 3.05 -7.07 6.12
C LEU B 254 3.50 -7.66 4.79
N ALA B 255 4.62 -8.37 4.82
CA ALA B 255 5.18 -8.93 3.61
C ALA B 255 4.23 -9.91 2.94
N GLY B 256 3.43 -10.62 3.72
CA GLY B 256 2.50 -11.58 3.15
C GLY B 256 1.50 -10.96 2.20
N ASN B 257 1.22 -9.67 2.35
CA ASN B 257 0.28 -8.99 1.46
C ASN B 257 0.96 -8.40 0.23
N ALA B 258 2.29 -8.46 0.13
CA ALA B 258 2.99 -7.92 -1.02
C ALA B 258 2.60 -8.62 -2.31
N PHE B 259 1.95 -9.78 -2.24
CA PHE B 259 1.44 -10.45 -3.42
C PHE B 259 0.34 -9.66 -4.12
N VAL B 260 -0.21 -8.62 -3.48
CA VAL B 260 -1.14 -7.76 -4.22
C VAL B 260 -0.41 -7.06 -5.36
N TYR B 261 0.90 -6.84 -5.20
CA TYR B 261 1.70 -6.32 -6.29
C TYR B 261 1.92 -7.40 -7.35
N PRO B 262 2.19 -6.99 -8.60
CA PRO B 262 2.61 -7.98 -9.60
C PRO B 262 3.83 -8.73 -9.09
N HIS B 263 3.81 -10.06 -9.26
CA HIS B 263 4.79 -10.89 -8.60
C HIS B 263 4.92 -12.21 -9.33
N GLN B 264 5.98 -12.93 -8.99
CA GLN B 264 6.19 -14.31 -9.42
C GLN B 264 6.97 -15.03 -8.32
N ILE B 265 6.65 -16.29 -8.11
CA ILE B 265 7.36 -17.13 -7.15
C ILE B 265 8.33 -18.02 -7.91
N ILE B 266 9.59 -18.01 -7.49
CA ILE B 266 10.58 -18.97 -7.94
C ILE B 266 10.69 -20.03 -6.86
N ASN B 267 10.04 -21.17 -7.09
CA ASN B 267 10.10 -22.31 -6.18
C ASN B 267 11.12 -23.29 -6.75
N LEU B 268 12.22 -23.49 -6.03
CA LEU B 268 13.36 -24.22 -6.58
C LEU B 268 12.96 -25.60 -7.09
N ARG B 269 11.96 -26.24 -6.46
CA ARG B 269 11.51 -27.53 -6.92
C ARG B 269 10.71 -27.46 -8.22
N THR B 270 10.27 -26.27 -8.64
CA THR B 270 9.42 -26.12 -9.81
C THR B 270 10.06 -25.33 -10.92
N ASN B 271 10.69 -24.19 -10.62
CA ASN B 271 11.21 -23.32 -11.65
C ASN B 271 12.49 -22.66 -11.17
N ASN B 272 13.28 -22.17 -12.13
CA ASN B 272 14.55 -21.52 -11.85
C ASN B 272 14.59 -20.07 -12.33
N CYS B 273 13.46 -19.53 -12.80
CA CYS B 273 13.44 -18.18 -13.32
C CYS B 273 12.06 -17.58 -13.14
N ALA B 274 12.04 -16.25 -13.10
CA ALA B 274 10.80 -15.46 -13.06
C ALA B 274 10.90 -14.33 -14.06
N THR B 275 9.85 -14.13 -14.83
CA THR B 275 9.79 -13.06 -15.82
C THR B 275 8.60 -12.16 -15.51
N LEU B 276 8.88 -10.88 -15.27
CA LEU B 276 7.86 -9.88 -15.01
C LEU B 276 7.94 -8.81 -16.09
N VAL B 277 6.85 -8.56 -16.77
CA VAL B 277 6.76 -7.50 -17.77
C VAL B 277 6.01 -6.34 -17.12
N LEU B 278 6.70 -5.23 -16.94
CA LEU B 278 6.18 -4.08 -16.23
C LEU B 278 5.89 -2.96 -17.22
N PRO B 279 4.66 -2.51 -17.41
CA PRO B 279 4.44 -1.29 -18.16
C PRO B 279 4.94 -0.09 -17.37
N TYR B 280 5.12 1.02 -18.07
CA TYR B 280 5.40 2.27 -17.39
C TYR B 280 4.20 2.67 -16.54
N VAL B 281 4.40 2.71 -15.22
CA VAL B 281 3.35 3.06 -14.27
C VAL B 281 3.76 4.33 -13.57
N ASN B 282 2.91 5.36 -13.67
CA ASN B 282 3.16 6.65 -13.04
C ASN B 282 1.88 7.46 -13.15
N SER B 283 1.80 8.54 -12.36
CA SER B 283 0.69 9.47 -12.47
C SER B 283 0.87 10.47 -13.61
N LEU B 284 1.96 10.37 -14.36
CA LEU B 284 2.23 11.22 -15.51
C LEU B 284 2.57 10.33 -16.70
N SER B 285 2.36 10.88 -17.90
CA SER B 285 2.77 10.17 -19.10
C SER B 285 4.27 9.96 -19.14
N ILE B 286 5.04 10.95 -18.68
CA ILE B 286 6.49 10.85 -18.66
C ILE B 286 7.00 11.69 -17.51
N ASP B 287 8.17 11.33 -16.98
CA ASP B 287 8.69 11.96 -15.78
C ASP B 287 10.21 12.02 -15.88
N SER B 288 10.83 12.59 -14.85
CA SER B 288 12.28 12.64 -14.75
C SER B 288 12.79 11.30 -14.22
N MET B 289 13.60 10.61 -15.01
CA MET B 289 14.14 9.32 -14.59
C MET B 289 15.11 9.47 -13.43
N THR B 290 15.87 10.56 -13.40
CA THR B 290 16.85 10.74 -12.35
C THR B 290 16.20 11.10 -11.02
N LYS B 291 15.13 11.89 -11.07
CA LYS B 291 14.44 12.27 -9.83
C LYS B 291 13.62 11.11 -9.27
N HIS B 292 13.00 10.32 -10.14
CA HIS B 292 11.90 9.45 -9.77
C HIS B 292 12.16 8.03 -10.24
N ASN B 293 12.00 7.06 -9.33
CA ASN B 293 12.06 5.65 -9.67
C ASN B 293 10.64 5.12 -9.79
N ASN B 294 10.27 4.72 -11.00
CA ASN B 294 8.89 4.27 -11.24
C ASN B 294 8.63 2.90 -10.62
N TRP B 295 9.63 2.02 -10.60
CA TRP B 295 9.41 0.66 -10.13
C TRP B 295 10.44 0.29 -9.08
N GLY B 296 10.03 -0.57 -8.16
CA GLY B 296 10.96 -1.25 -7.28
C GLY B 296 10.85 -2.75 -7.51
N ILE B 297 11.96 -3.43 -7.39
CA ILE B 297 12.01 -4.88 -7.46
C ILE B 297 12.44 -5.37 -6.09
N ALA B 298 11.61 -6.18 -5.45
CA ALA B 298 11.92 -6.76 -4.16
C ALA B 298 11.92 -8.28 -4.29
N ILE B 299 13.01 -8.91 -3.87
CA ILE B 299 13.16 -10.35 -3.89
C ILE B 299 13.31 -10.79 -2.44
N LEU B 300 12.31 -11.51 -1.95
CA LEU B 300 12.33 -11.96 -0.57
C LEU B 300 12.39 -13.48 -0.51
N PRO B 301 13.19 -14.06 0.39
CA PRO B 301 13.11 -15.52 0.58
C PRO B 301 11.84 -15.90 1.32
N LEU B 302 10.85 -16.41 0.59
CA LEU B 302 9.63 -16.90 1.22
C LEU B 302 9.90 -18.20 1.97
N ALA B 303 10.74 -19.06 1.41
CA ALA B 303 11.18 -20.28 2.07
C ALA B 303 12.70 -20.25 2.07
N PRO B 304 13.35 -20.35 3.23
CA PRO B 304 14.82 -20.23 3.24
C PRO B 304 15.49 -21.30 2.40
N LEU B 305 16.59 -20.92 1.76
CA LEU B 305 17.39 -21.88 1.03
C LEU B 305 17.91 -22.96 1.97
N ASP B 306 17.86 -24.20 1.50
CA ASP B 306 18.39 -25.30 2.28
C ASP B 306 18.94 -26.37 1.34
N PHE B 307 19.92 -27.12 1.84
CA PHE B 307 20.57 -28.18 1.09
C PHE B 307 21.14 -29.16 2.10
N ALA B 308 21.12 -30.45 1.76
CA ALA B 308 21.36 -31.48 2.77
C ALA B 308 22.72 -31.36 3.42
N THR B 309 23.67 -30.69 2.78
CA THR B 309 25.01 -30.55 3.32
C THR B 309 24.99 -29.80 4.65
N THR B 313 25.50 -23.65 2.21
CA THR B 313 25.10 -23.64 0.81
C THR B 313 24.69 -22.24 0.38
N GLU B 314 25.09 -21.85 -0.83
CA GLU B 314 24.77 -20.56 -1.40
C GLU B 314 24.52 -20.73 -2.89
N ILE B 315 23.52 -20.03 -3.42
CA ILE B 315 23.28 -20.07 -4.86
C ILE B 315 23.14 -18.66 -5.41
N PRO B 316 23.66 -18.37 -6.59
CA PRO B 316 23.53 -17.00 -7.13
C PRO B 316 22.13 -16.70 -7.65
N ILE B 317 21.78 -15.43 -7.57
CA ILE B 317 20.60 -14.86 -8.22
C ILE B 317 21.08 -13.77 -9.16
N THR B 318 20.63 -13.83 -10.41
CA THR B 318 21.06 -12.89 -11.44
C THR B 318 19.84 -12.19 -12.02
N LEU B 319 19.87 -10.86 -12.02
CA LEU B 319 18.80 -10.07 -12.61
C LEU B 319 19.23 -9.61 -14.00
N THR B 320 18.35 -9.82 -14.97
CA THR B 320 18.55 -9.33 -16.34
C THR B 320 17.32 -8.50 -16.71
N ILE B 321 17.51 -7.21 -16.92
CA ILE B 321 16.42 -6.27 -17.09
C ILE B 321 16.59 -5.58 -18.44
N ALA B 322 15.54 -5.61 -19.25
CA ALA B 322 15.52 -4.88 -20.51
C ALA B 322 14.53 -3.74 -20.42
N PRO B 323 14.95 -2.48 -20.54
CA PRO B 323 13.96 -1.41 -20.69
C PRO B 323 13.23 -1.54 -22.02
N MET B 324 11.95 -1.16 -22.00
CA MET B 324 11.05 -1.39 -23.12
C MET B 324 10.30 -0.12 -23.45
N CYS B 325 10.01 0.06 -24.73
CA CYS B 325 9.25 1.20 -25.23
C CYS B 325 9.82 2.51 -24.69
N CYS B 326 11.14 2.62 -24.73
CA CYS B 326 11.81 3.79 -24.19
C CYS B 326 11.47 5.04 -25.00
N GLU B 327 11.20 6.13 -24.27
CA GLU B 327 11.05 7.45 -24.86
C GLU B 327 11.81 8.45 -24.00
N PHE B 328 12.46 9.41 -24.64
CA PHE B 328 13.19 10.45 -23.92
C PHE B 328 12.88 11.81 -24.53
N ASN B 329 12.84 12.82 -23.67
CA ASN B 329 12.54 14.18 -24.07
C ASN B 329 13.40 15.14 -23.29
N GLY B 330 13.65 16.32 -23.88
CA GLY B 330 14.36 17.37 -23.19
C GLY B 330 15.85 17.19 -23.17
N LEU B 331 16.45 17.15 -24.36
CA LEU B 331 17.89 16.97 -24.49
C LEU B 331 18.64 18.23 -24.07
N ARG B 332 19.68 18.05 -23.27
CA ARG B 332 20.59 19.13 -22.91
C ARG B 332 21.92 18.49 -22.49
N ASN B 333 22.78 19.27 -21.83
CA ASN B 333 24.00 18.72 -21.29
C ASN B 333 23.68 17.57 -20.33
N ILE B 334 24.67 16.70 -20.14
CA ILE B 334 24.43 15.47 -19.38
C ILE B 334 24.28 15.80 -17.90
N THR B 335 23.31 15.17 -17.26
CA THR B 335 23.21 15.20 -15.81
C THR B 335 24.30 14.35 -15.19
N VAL B 336 24.93 14.86 -14.13
CA VAL B 336 25.98 14.14 -13.41
C VAL B 336 25.60 14.11 -11.93
N PRO B 337 24.80 13.14 -11.49
CA PRO B 337 24.35 13.16 -10.09
C PRO B 337 25.52 13.03 -9.12
N ARG B 338 25.37 13.68 -7.97
CA ARG B 338 26.32 13.50 -6.89
C ARG B 338 26.26 12.06 -6.38
N THR B 339 27.41 11.52 -6.02
CA THR B 339 27.53 10.13 -5.60
C THR B 339 28.20 10.05 -4.23
N GLN B 340 28.15 8.85 -3.66
CA GLN B 340 28.67 8.55 -2.32
C GLN B 340 28.30 9.64 -1.31
N GLY C 1 -42.11 34.22 -0.90
CA GLY C 1 -41.38 33.03 -1.41
C GLY C 1 -42.23 31.78 -1.47
N LEU C 2 -41.67 30.72 -2.04
CA LEU C 2 -42.37 29.45 -2.08
C LEU C 2 -42.55 28.92 -0.66
N PRO C 3 -43.78 28.58 -0.25
CA PRO C 3 -43.96 28.04 1.11
C PRO C 3 -43.21 26.73 1.29
N VAL C 4 -42.33 26.69 2.28
CA VAL C 4 -41.55 25.52 2.61
C VAL C 4 -41.68 25.23 4.09
N LEU C 5 -41.43 23.97 4.46
CA LEU C 5 -41.51 23.53 5.84
C LEU C 5 -40.30 22.64 6.11
N ASN C 6 -39.41 23.09 6.99
CA ASN C 6 -38.18 22.36 7.27
C ASN C 6 -38.50 21.12 8.10
N THR C 7 -38.11 19.97 7.60
CA THR C 7 -38.38 18.69 8.24
C THR C 7 -37.29 18.37 9.26
N PRO C 8 -37.50 17.36 10.09
CA PRO C 8 -36.39 16.86 10.92
C PRO C 8 -35.24 16.40 10.05
N GLY C 9 -34.03 16.55 10.58
CA GLY C 9 -32.82 16.32 9.83
C GLY C 9 -32.25 17.56 9.19
N SER C 10 -33.04 18.64 9.08
CA SER C 10 -32.52 19.89 8.56
C SER C 10 -31.37 20.40 9.43
N ASN C 11 -30.33 20.89 8.76
CA ASN C 11 -29.14 21.52 9.35
C ASN C 11 -28.17 20.51 9.94
N GLN C 12 -28.46 19.21 9.88
CA GLN C 12 -27.51 18.22 10.35
C GLN C 12 -26.40 18.01 9.33
N TYR C 13 -25.30 17.44 9.80
CA TYR C 13 -24.21 16.99 8.93
C TYR C 13 -24.06 15.48 9.14
N LEU C 14 -24.61 14.71 8.22
CA LEU C 14 -24.41 13.27 8.18
C LEU C 14 -23.19 12.99 7.31
N THR C 15 -22.16 12.39 7.89
CA THR C 15 -20.92 12.16 7.16
C THR C 15 -21.12 11.24 5.97
N ALA C 16 -22.20 10.47 5.95
CA ALA C 16 -22.51 9.59 4.82
C ALA C 16 -23.49 10.21 3.84
N ASP C 17 -23.87 11.48 4.03
CA ASP C 17 -24.80 12.10 3.12
C ASP C 17 -24.18 12.28 1.73
N ASN C 18 -25.03 12.47 0.73
CA ASN C 18 -24.60 12.71 -0.64
C ASN C 18 -25.42 13.88 -1.18
N TYR C 19 -24.94 15.09 -0.92
CA TYR C 19 -25.60 16.31 -1.35
C TYR C 19 -24.68 17.11 -2.25
N GLN C 20 -25.28 17.96 -3.07
CA GLN C 20 -24.50 18.93 -3.84
C GLN C 20 -23.97 20.03 -2.91
N SER C 21 -22.90 20.68 -3.34
CA SER C 21 -22.32 21.79 -2.61
C SER C 21 -21.65 22.71 -3.63
N PRO C 22 -21.50 24.00 -3.29
CA PRO C 22 -20.89 24.93 -4.25
C PRO C 22 -19.43 24.62 -4.50
N CYS C 23 -18.99 24.84 -5.74
CA CYS C 23 -17.60 24.64 -6.10
C CYS C 23 -16.77 25.85 -5.68
N ALA C 24 -15.71 25.61 -4.93
CA ALA C 24 -14.83 26.69 -4.51
C ALA C 24 -13.90 27.16 -5.61
N ILE C 25 -13.74 26.38 -6.68
CA ILE C 25 -12.84 26.75 -7.78
C ILE C 25 -13.60 26.60 -9.08
N PRO C 26 -14.57 27.47 -9.38
CA PRO C 26 -15.35 27.31 -10.60
C PRO C 26 -14.51 27.45 -11.86
N GLU C 27 -14.94 26.76 -12.91
CA GLU C 27 -14.32 26.84 -14.23
C GLU C 27 -12.87 26.36 -14.20
N PHE C 28 -12.54 25.43 -13.31
CA PHE C 28 -11.21 24.87 -13.25
C PHE C 28 -11.03 23.86 -14.38
N ASP C 29 -9.97 24.04 -15.17
CA ASP C 29 -9.66 23.15 -16.29
C ASP C 29 -8.93 21.93 -15.75
N VAL C 30 -9.70 20.89 -15.42
CA VAL C 30 -9.15 19.71 -14.77
C VAL C 30 -8.18 18.99 -15.70
N THR C 31 -7.06 18.54 -15.15
CA THR C 31 -6.13 17.72 -15.92
C THR C 31 -6.82 16.41 -16.30
N PRO C 32 -6.85 16.05 -17.58
CA PRO C 32 -7.58 14.83 -17.98
C PRO C 32 -6.86 13.58 -17.50
N PRO C 33 -7.58 12.47 -17.32
CA PRO C 33 -6.93 11.24 -16.90
C PRO C 33 -6.14 10.59 -18.03
N ILE C 34 -5.19 9.75 -17.63
CA ILE C 34 -4.45 8.89 -18.54
C ILE C 34 -4.76 7.44 -18.16
N ASP C 35 -4.48 6.53 -19.09
CA ASP C 35 -4.78 5.11 -18.91
C ASP C 35 -3.66 4.47 -18.09
N ILE C 36 -3.67 4.76 -16.80
CA ILE C 36 -2.72 4.13 -15.88
C ILE C 36 -3.03 2.64 -15.78
N PRO C 37 -2.04 1.76 -15.77
CA PRO C 37 -2.32 0.34 -15.55
C PRO C 37 -2.83 0.07 -14.14
N GLY C 38 -3.49 -1.07 -13.99
CA GLY C 38 -3.92 -1.54 -12.69
C GLY C 38 -4.98 -0.71 -12.00
N GLU C 39 -6.01 -0.27 -12.73
CA GLU C 39 -7.12 0.42 -12.10
C GLU C 39 -7.97 -0.56 -11.29
N VAL C 40 -8.49 -0.10 -10.17
CA VAL C 40 -9.32 -0.90 -9.28
C VAL C 40 -10.70 -0.25 -9.17
N ARG C 41 -11.75 -1.03 -9.46
CA ARG C 41 -13.12 -0.54 -9.37
C ARG C 41 -13.83 -0.94 -8.08
N ASN C 42 -13.42 -2.06 -7.47
CA ASN C 42 -14.13 -2.60 -6.33
C ASN C 42 -13.11 -3.20 -5.37
N MET C 43 -13.30 -2.95 -4.07
CA MET C 43 -12.37 -3.47 -3.07
C MET C 43 -12.30 -4.98 -3.10
N MET C 44 -13.38 -5.66 -3.50
CA MET C 44 -13.35 -7.11 -3.59
C MET C 44 -12.29 -7.61 -4.55
N GLU C 45 -11.94 -6.82 -5.58
CA GLU C 45 -10.83 -7.19 -6.46
C GLU C 45 -9.57 -7.44 -5.65
N LEU C 46 -9.30 -6.58 -4.67
CA LEU C 46 -8.15 -6.79 -3.80
C LEU C 46 -8.33 -8.05 -2.95
N ALA C 47 -9.56 -8.29 -2.47
CA ALA C 47 -9.81 -9.46 -1.65
C ALA C 47 -9.69 -10.77 -2.43
N GLU C 48 -9.86 -10.71 -3.75
CA GLU C 48 -9.74 -11.91 -4.58
C GLU C 48 -8.29 -12.26 -4.92
N ILE C 49 -7.33 -11.46 -4.47
CA ILE C 49 -5.92 -11.72 -4.71
C ILE C 49 -5.38 -12.57 -3.57
N ASP C 50 -4.72 -13.68 -3.91
CA ASP C 50 -4.11 -14.54 -2.90
C ASP C 50 -2.99 -13.80 -2.19
N THR C 51 -3.03 -13.80 -0.85
CA THR C 51 -1.97 -13.22 -0.03
C THR C 51 -1.57 -14.24 1.04
N MET C 52 -0.33 -14.13 1.48
CA MET C 52 0.26 -15.16 2.33
C MET C 52 -0.31 -15.09 3.74
N ILE C 53 -0.63 -16.24 4.31
CA ILE C 53 -1.22 -16.34 5.64
C ILE C 53 -0.10 -16.43 6.68
N PRO C 54 -0.09 -15.60 7.72
CA PRO C 54 0.84 -15.86 8.85
C PRO C 54 0.34 -17.02 9.69
N LEU C 55 0.58 -18.23 9.20
CA LEU C 55 0.06 -19.43 9.82
C LEU C 55 0.73 -19.76 11.14
N ASN C 56 1.99 -19.36 11.32
CA ASN C 56 2.81 -19.81 12.45
C ASN C 56 3.06 -18.60 13.36
N LEU C 57 2.08 -18.29 14.21
CA LEU C 57 2.19 -17.17 15.13
C LEU C 57 2.67 -17.62 16.52
N THR C 58 3.77 -18.37 16.55
CA THR C 58 4.36 -18.76 17.82
C THR C 58 5.12 -17.57 18.40
N ASN C 59 5.56 -17.74 19.66
CA ASN C 59 6.28 -16.65 20.32
C ASN C 59 7.54 -16.28 19.55
N GLN C 60 8.26 -17.27 19.03
CA GLN C 60 9.52 -17.02 18.35
C GLN C 60 9.36 -16.70 16.87
N ARG C 61 8.17 -16.89 16.31
CA ARG C 61 7.96 -16.67 14.88
C ARG C 61 7.10 -15.46 14.57
N LYS C 62 6.19 -15.07 15.45
CA LYS C 62 5.27 -13.99 15.14
C LYS C 62 6.04 -12.70 14.88
N ASN C 63 5.58 -11.93 13.90
CA ASN C 63 6.21 -10.66 13.51
C ASN C 63 7.62 -10.88 12.97
N THR C 64 7.84 -12.03 12.34
CA THR C 64 9.02 -12.29 11.52
C THR C 64 8.56 -13.01 10.27
N MET C 65 9.48 -13.20 9.32
CA MET C 65 9.14 -13.95 8.12
C MET C 65 8.80 -15.40 8.45
N ASP C 66 9.39 -15.94 9.52
CA ASP C 66 9.13 -17.32 9.91
C ASP C 66 7.65 -17.57 10.16
N MET C 67 6.89 -16.53 10.51
CA MET C 67 5.48 -16.74 10.79
C MET C 67 4.71 -17.19 9.55
N TYR C 68 5.26 -16.99 8.36
CA TYR C 68 4.59 -17.42 7.14
C TYR C 68 4.91 -18.86 6.74
N ARG C 69 5.86 -19.49 7.41
CA ARG C 69 6.34 -20.82 7.03
C ARG C 69 5.86 -21.86 8.02
N VAL C 70 5.26 -22.94 7.52
CA VAL C 70 4.85 -24.06 8.35
C VAL C 70 5.74 -25.24 8.00
N GLU C 71 6.42 -25.80 8.99
CA GLU C 71 7.44 -26.80 8.75
C GLU C 71 6.83 -28.20 8.69
N LEU C 72 7.06 -28.89 7.59
CA LEU C 72 6.84 -30.33 7.47
C LEU C 72 8.18 -31.05 7.60
N ASN C 73 8.13 -32.30 8.03
CA ASN C 73 9.30 -33.15 8.07
C ASN C 73 8.92 -34.54 7.56
N ASP C 74 9.91 -35.41 7.44
CA ASP C 74 9.73 -36.74 6.88
C ASP C 74 9.53 -37.81 7.95
N ALA C 75 9.09 -37.42 9.14
CA ALA C 75 8.88 -38.39 10.21
C ALA C 75 7.77 -39.36 9.84
N ALA C 76 7.62 -40.39 10.68
CA ALA C 76 6.62 -41.43 10.43
C ALA C 76 5.22 -40.82 10.49
N HIS C 77 4.28 -41.49 9.82
CA HIS C 77 2.93 -40.99 9.73
C HIS C 77 2.30 -40.81 11.11
N SER C 78 1.54 -39.73 11.25
CA SER C 78 0.68 -39.55 12.41
C SER C 78 -0.63 -38.94 11.93
N ASP C 79 -1.64 -39.01 12.78
CA ASP C 79 -2.94 -38.39 12.49
C ASP C 79 -3.09 -37.01 13.13
N THR C 80 -2.06 -36.50 13.81
CA THR C 80 -2.16 -35.20 14.44
C THR C 80 -2.08 -34.10 13.38
N PRO C 81 -2.75 -32.97 13.60
CA PRO C 81 -2.77 -31.92 12.58
C PRO C 81 -1.41 -31.26 12.40
N ILE C 82 -1.14 -30.87 11.15
CA ILE C 82 0.00 -30.01 10.86
C ILE C 82 -0.30 -28.58 11.28
N LEU C 83 -1.49 -28.08 10.95
CA LEU C 83 -1.89 -26.73 11.28
C LEU C 83 -3.40 -26.70 11.43
N CYS C 84 -3.88 -25.73 12.23
CA CYS C 84 -5.30 -25.58 12.53
C CYS C 84 -5.61 -24.09 12.66
N PHE C 85 -6.74 -23.68 12.09
CA PHE C 85 -7.22 -22.32 12.33
C PHE C 85 -8.70 -22.23 11.99
N SER C 86 -9.38 -21.28 12.60
CA SER C 86 -10.81 -21.14 12.42
C SER C 86 -11.14 -20.29 11.20
N LEU C 87 -12.31 -20.54 10.62
CA LEU C 87 -12.78 -19.81 9.44
C LEU C 87 -13.46 -18.51 9.90
N SER C 88 -12.64 -17.60 10.40
CA SER C 88 -13.05 -16.26 10.78
C SER C 88 -12.10 -15.31 10.06
N PRO C 89 -12.35 -15.05 8.77
CA PRO C 89 -11.34 -14.35 7.96
C PRO C 89 -11.02 -12.95 8.46
N ALA C 90 -11.92 -12.32 9.22
CA ALA C 90 -11.67 -10.97 9.72
C ALA C 90 -11.14 -10.94 11.15
N SER C 91 -11.35 -11.99 11.94
CA SER C 91 -11.03 -11.97 13.36
C SER C 91 -10.05 -13.05 13.78
N ASP C 92 -9.91 -14.13 13.02
CA ASP C 92 -8.88 -15.12 13.33
C ASP C 92 -7.52 -14.48 13.10
N PRO C 93 -6.61 -14.51 14.09
CA PRO C 93 -5.34 -13.76 13.93
C PRO C 93 -4.54 -14.15 12.70
N ARG C 94 -4.58 -15.42 12.28
CA ARG C 94 -3.84 -15.79 11.07
C ARG C 94 -4.44 -15.16 9.83
N LEU C 95 -5.76 -14.94 9.80
CA LEU C 95 -6.42 -14.43 8.62
C LEU C 95 -6.72 -12.94 8.69
N ALA C 96 -6.73 -12.34 9.89
CA ALA C 96 -7.17 -10.95 10.03
C ALA C 96 -6.26 -10.00 9.27
N HIS C 97 -4.95 -10.26 9.28
CA HIS C 97 -4.00 -9.36 8.66
C HIS C 97 -3.65 -9.74 7.23
N THR C 98 -4.28 -10.75 6.66
CA THR C 98 -4.18 -10.94 5.21
C THR C 98 -4.94 -9.83 4.50
N MET C 99 -4.63 -9.64 3.23
CA MET C 99 -5.33 -8.61 2.46
C MET C 99 -6.84 -8.78 2.55
N LEU C 100 -7.31 -10.03 2.46
CA LEU C 100 -8.72 -10.31 2.63
C LEU C 100 -9.20 -9.89 4.01
N GLY C 101 -8.45 -10.24 5.05
CA GLY C 101 -8.82 -9.82 6.39
C GLY C 101 -8.82 -8.32 6.56
N GLU C 102 -7.81 -7.66 5.98
CA GLU C 102 -7.74 -6.20 6.06
C GLU C 102 -8.96 -5.55 5.44
N ILE C 103 -9.36 -6.02 4.26
CA ILE C 103 -10.55 -5.48 3.60
C ILE C 103 -11.79 -5.78 4.44
N LEU C 104 -11.91 -7.01 4.94
CA LEU C 104 -13.10 -7.38 5.69
C LEU C 104 -13.23 -6.59 6.98
N ASN C 105 -12.11 -6.13 7.53
CA ASN C 105 -12.17 -5.36 8.78
C ASN C 105 -12.66 -3.94 8.57
N TYR C 106 -12.87 -3.51 7.33
CA TYR C 106 -13.60 -2.27 7.05
C TYR C 106 -15.10 -2.51 6.83
N TYR C 107 -15.56 -3.74 6.96
CA TYR C 107 -16.96 -4.07 6.75
C TYR C 107 -17.46 -4.93 7.90
N THR C 108 -18.75 -4.82 8.18
CA THR C 108 -19.37 -5.59 9.26
C THR C 108 -19.80 -6.97 8.81
N HIS C 109 -20.31 -7.10 7.60
CA HIS C 109 -20.87 -8.35 7.11
C HIS C 109 -20.06 -8.88 5.93
N TRP C 110 -19.89 -10.19 5.88
CA TRP C 110 -19.23 -10.84 4.75
C TRP C 110 -19.94 -12.13 4.41
N ALA C 111 -19.91 -12.49 3.13
CA ALA C 111 -20.43 -13.76 2.67
C ALA C 111 -19.67 -14.18 1.43
N GLY C 112 -19.68 -15.49 1.17
CA GLY C 112 -19.06 -16.05 -0.01
C GLY C 112 -18.05 -17.14 0.33
N SER C 113 -17.57 -17.78 -0.73
CA SER C 113 -16.60 -18.84 -0.61
C SER C 113 -15.19 -18.27 -0.49
N LEU C 114 -14.28 -19.08 0.04
CA LEU C 114 -12.88 -18.70 0.18
C LEU C 114 -12.01 -19.71 -0.54
N LYS C 115 -10.82 -19.28 -0.95
CA LYS C 115 -9.82 -20.14 -1.55
C LYS C 115 -8.61 -20.17 -0.65
N PHE C 116 -8.21 -21.36 -0.21
CA PHE C 116 -6.98 -21.57 0.54
C PHE C 116 -6.03 -22.37 -0.34
N THR C 117 -4.95 -21.73 -0.77
CA THR C 117 -3.92 -22.39 -1.54
C THR C 117 -2.73 -22.67 -0.62
N PHE C 118 -2.10 -23.82 -0.83
CA PHE C 118 -0.92 -24.18 -0.08
C PHE C 118 0.18 -24.54 -1.07
N LEU C 119 1.36 -23.96 -0.86
CA LEU C 119 2.52 -24.17 -1.72
C LEU C 119 3.58 -24.94 -0.95
N PHE C 120 4.00 -26.06 -1.53
CA PHE C 120 5.07 -26.87 -0.95
C PHE C 120 6.41 -26.39 -1.46
N CYS C 121 7.32 -26.09 -0.53
CA CYS C 121 8.60 -25.50 -0.87
C CYS C 121 9.78 -26.42 -0.53
N GLY C 122 9.53 -27.72 -0.45
CA GLY C 122 10.60 -28.68 -0.27
C GLY C 122 11.33 -28.94 -1.57
N SER C 123 12.24 -29.91 -1.52
CA SER C 123 13.02 -30.25 -2.70
C SER C 123 12.15 -30.97 -3.72
N MET C 124 12.65 -31.01 -4.96
CA MET C 124 11.96 -31.77 -6.00
C MET C 124 11.94 -33.25 -5.68
N MET C 125 12.90 -33.74 -4.90
CA MET C 125 12.98 -35.15 -4.56
C MET C 125 12.02 -35.55 -3.45
N ALA C 126 11.39 -34.60 -2.76
CA ALA C 126 10.46 -34.93 -1.69
C ALA C 126 9.11 -35.33 -2.27
N THR C 127 8.52 -36.37 -1.68
CA THR C 127 7.19 -36.82 -2.04
C THR C 127 6.33 -36.86 -0.78
N GLY C 128 5.02 -36.83 -0.98
CA GLY C 128 4.10 -36.91 0.13
C GLY C 128 2.67 -36.64 -0.25
N LYS C 129 1.76 -37.03 0.62
CA LYS C 129 0.35 -36.69 0.48
C LYS C 129 -0.15 -36.07 1.77
N LEU C 130 -0.92 -35.01 1.63
CA LEU C 130 -1.52 -34.29 2.75
C LEU C 130 -3.02 -34.26 2.57
N LEU C 131 -3.72 -34.05 3.68
CA LEU C 131 -5.16 -33.89 3.68
C LEU C 131 -5.48 -32.51 4.22
N VAL C 132 -6.25 -31.73 3.47
CA VAL C 132 -6.66 -30.39 3.86
C VAL C 132 -8.16 -30.41 4.05
N SER C 133 -8.63 -30.06 5.24
CA SER C 133 -10.02 -30.26 5.61
C SER C 133 -10.65 -28.97 6.10
N TYR C 134 -11.89 -28.76 5.67
CA TYR C 134 -12.79 -27.77 6.24
C TYR C 134 -13.94 -28.51 6.91
N ALA C 135 -14.11 -28.26 8.21
CA ALA C 135 -15.22 -28.79 8.98
C ALA C 135 -16.19 -27.66 9.30
N PRO C 136 -17.41 -27.67 8.76
CA PRO C 136 -18.41 -26.70 9.19
C PRO C 136 -18.60 -26.74 10.70
N PRO C 137 -19.02 -25.65 11.32
CA PRO C 137 -19.02 -25.55 12.78
C PRO C 137 -20.17 -26.34 13.41
N GLY C 138 -20.19 -26.35 14.73
CA GLY C 138 -21.21 -27.01 15.51
C GLY C 138 -20.77 -28.31 16.15
N ALA C 139 -19.62 -28.85 15.77
CA ALA C 139 -19.06 -30.04 16.37
C ALA C 139 -17.65 -29.73 16.89
N GLU C 140 -17.11 -30.66 17.65
CA GLU C 140 -15.75 -30.51 18.16
C GLU C 140 -14.78 -30.33 17.00
N ALA C 141 -13.89 -29.34 17.12
CA ALA C 141 -12.94 -29.08 16.06
C ALA C 141 -12.07 -30.32 15.84
N PRO C 142 -11.81 -30.70 14.58
CA PRO C 142 -11.13 -31.99 14.34
C PRO C 142 -9.80 -32.08 15.08
N LYS C 143 -9.72 -33.05 15.99
CA LYS C 143 -8.49 -33.28 16.73
C LYS C 143 -7.50 -34.13 15.95
N SER C 144 -8.00 -35.00 15.07
CA SER C 144 -7.15 -35.90 14.31
C SER C 144 -7.71 -36.04 12.91
N ARG C 145 -6.96 -36.73 12.05
CA ARG C 145 -7.39 -36.92 10.67
C ARG C 145 -8.68 -37.71 10.59
N LYS C 146 -8.94 -38.59 11.56
CA LYS C 146 -10.16 -39.39 11.52
C LYS C 146 -11.41 -38.50 11.55
N GLU C 147 -11.41 -37.47 12.39
CA GLU C 147 -12.51 -36.52 12.39
C GLU C 147 -12.47 -35.60 11.19
N ALA C 148 -11.29 -35.09 10.85
CA ALA C 148 -11.19 -34.09 9.79
C ALA C 148 -11.66 -34.64 8.45
N MET C 149 -11.37 -35.91 8.18
CA MET C 149 -11.74 -36.51 6.90
C MET C 149 -13.25 -36.61 6.72
N LEU C 150 -14.03 -36.46 7.80
CA LEU C 150 -15.49 -36.50 7.68
C LEU C 150 -16.04 -35.21 7.08
N GLY C 151 -15.34 -34.09 7.25
CA GLY C 151 -15.75 -32.84 6.65
C GLY C 151 -15.28 -32.73 5.20
N THR C 152 -15.53 -31.57 4.62
CA THR C 152 -15.01 -31.29 3.29
C THR C 152 -13.50 -31.40 3.31
N HIS C 153 -12.92 -32.02 2.29
CA HIS C 153 -11.47 -32.14 2.30
C HIS C 153 -10.93 -32.45 0.91
N VAL C 154 -9.63 -32.26 0.77
CA VAL C 154 -8.89 -32.47 -0.45
C VAL C 154 -7.61 -33.22 -0.12
N ILE C 155 -7.24 -34.18 -0.96
CA ILE C 155 -5.98 -34.89 -0.84
C ILE C 155 -5.00 -34.25 -1.81
N TRP C 156 -3.86 -33.81 -1.29
CA TRP C 156 -2.85 -33.06 -2.04
C TRP C 156 -1.60 -33.92 -2.16
N ASP C 157 -1.21 -34.23 -3.39
CA ASP C 157 0.02 -34.96 -3.67
C ASP C 157 1.11 -33.94 -3.96
N ILE C 158 2.01 -33.73 -3.00
CA ILE C 158 3.04 -32.72 -3.15
C ILE C 158 4.03 -33.11 -4.24
N GLY C 159 4.25 -34.41 -4.44
CA GLY C 159 5.12 -34.84 -5.53
C GLY C 159 4.60 -34.41 -6.88
N LEU C 160 3.28 -34.51 -7.08
CA LEU C 160 2.69 -34.15 -8.37
C LEU C 160 2.62 -32.64 -8.56
N GLN C 161 1.88 -31.96 -7.70
CA GLN C 161 1.68 -30.51 -7.80
C GLN C 161 2.20 -29.84 -6.54
N SER C 162 3.10 -28.87 -6.72
CA SER C 162 3.63 -28.12 -5.59
C SER C 162 2.58 -27.26 -4.92
N SER C 163 1.45 -26.99 -5.59
CA SER C 163 0.41 -26.13 -5.07
C SER C 163 -0.91 -26.87 -5.07
N CYS C 164 -1.68 -26.70 -4.00
CA CYS C 164 -3.02 -27.26 -3.89
C CYS C 164 -3.99 -26.18 -3.44
N THR C 165 -5.12 -26.06 -4.12
CA THR C 165 -6.16 -25.12 -3.76
C THR C 165 -7.38 -25.87 -3.25
N MET C 166 -7.83 -25.51 -2.05
CA MET C 166 -9.09 -25.99 -1.50
C MET C 166 -10.05 -24.82 -1.43
N VAL C 167 -11.23 -24.98 -2.03
CA VAL C 167 -12.29 -23.99 -1.93
C VAL C 167 -13.14 -24.33 -0.72
N VAL C 168 -13.22 -23.39 0.21
CA VAL C 168 -14.14 -23.49 1.35
C VAL C 168 -15.46 -22.87 0.89
N PRO C 169 -16.45 -23.66 0.50
CA PRO C 169 -17.70 -23.09 -0.02
C PRO C 169 -18.46 -22.36 1.06
N TRP C 170 -19.22 -21.34 0.65
CA TRP C 170 -20.07 -20.63 1.58
C TRP C 170 -21.15 -21.58 2.11
N ILE C 171 -21.05 -21.93 3.39
CA ILE C 171 -22.10 -22.66 4.09
C ILE C 171 -22.33 -21.95 5.42
N SER C 172 -23.56 -21.48 5.63
CA SER C 172 -23.86 -20.64 6.77
C SER C 172 -25.36 -20.69 7.03
N ASN C 173 -25.73 -20.62 8.31
CA ASN C 173 -27.14 -20.44 8.65
C ASN C 173 -27.60 -19.04 8.25
N THR C 174 -26.83 -18.02 8.60
CA THR C 174 -27.14 -16.65 8.21
C THR C 174 -26.65 -16.36 6.80
N THR C 175 -27.32 -15.41 6.14
CA THR C 175 -26.90 -15.01 4.80
C THR C 175 -25.59 -14.22 4.84
N TYR C 176 -25.21 -13.68 6.00
CA TYR C 176 -23.92 -13.03 6.16
C TYR C 176 -23.37 -13.38 7.54
N ARG C 177 -22.05 -13.48 7.61
CA ARG C 177 -21.36 -13.61 8.88
C ARG C 177 -20.80 -12.26 9.31
N LEU C 178 -20.75 -12.07 10.62
CA LEU C 178 -20.10 -10.88 11.16
C LEU C 178 -18.59 -10.98 11.00
N THR C 179 -17.94 -9.82 10.91
CA THR C 179 -16.49 -9.75 10.79
C THR C 179 -15.80 -9.73 12.15
N ILE C 180 -16.45 -10.25 13.18
CA ILE C 180 -15.87 -10.41 14.51
C ILE C 180 -15.99 -11.87 14.91
N ASN C 181 -15.25 -12.24 15.95
CA ASN C 181 -15.42 -13.55 16.55
C ASN C 181 -16.83 -13.63 17.16
N ASP C 182 -17.68 -14.45 16.56
CA ASP C 182 -19.08 -14.55 16.97
C ASP C 182 -19.52 -15.99 16.89
N SER C 183 -20.06 -16.51 18.00
CA SER C 183 -20.45 -17.91 18.06
C SER C 183 -21.58 -18.21 17.08
N PHE C 184 -22.56 -17.32 16.97
CA PHE C 184 -23.72 -17.59 16.12
C PHE C 184 -23.33 -17.64 14.65
N THR C 185 -22.38 -16.81 14.23
CA THR C 185 -21.92 -16.78 12.84
C THR C 185 -20.52 -17.37 12.69
N GLU C 186 -20.13 -18.28 13.57
CA GLU C 186 -18.86 -18.96 13.44
C GLU C 186 -18.81 -19.71 12.11
N GLY C 187 -17.63 -19.74 11.49
CA GLY C 187 -17.49 -20.24 10.14
C GLY C 187 -16.92 -21.63 9.99
N GLY C 188 -16.49 -22.24 11.09
CA GLY C 188 -15.96 -23.59 11.06
C GLY C 188 -14.46 -23.63 11.25
N TYR C 189 -13.87 -24.74 10.81
CA TYR C 189 -12.49 -25.06 11.12
C TYR C 189 -11.75 -25.50 9.87
N ILE C 190 -10.47 -25.14 9.78
CA ILE C 190 -9.58 -25.57 8.71
C ILE C 190 -8.39 -26.27 9.36
N SER C 191 -8.04 -27.45 8.85
CA SER C 191 -6.95 -28.22 9.41
C SER C 191 -6.18 -28.91 8.29
N MET C 192 -4.92 -29.22 8.58
CA MET C 192 -4.09 -29.97 7.65
C MET C 192 -3.45 -31.14 8.38
N PHE C 193 -3.42 -32.29 7.70
CA PHE C 193 -2.89 -33.53 8.26
C PHE C 193 -2.00 -34.19 7.22
N TYR C 194 -1.14 -35.09 7.68
CA TYR C 194 -0.40 -35.96 6.77
C TYR C 194 -1.33 -37.07 6.28
N GLN C 195 -1.44 -37.22 4.97
CA GLN C 195 -2.22 -38.33 4.43
C GLN C 195 -1.41 -39.62 4.48
N THR C 196 -0.18 -39.60 3.95
CA THR C 196 0.70 -40.75 4.12
C THR C 196 1.91 -40.32 4.94
N ARG C 197 2.83 -39.54 4.36
CA ARG C 197 3.91 -38.87 5.05
C ARG C 197 4.80 -38.24 3.99
N VAL C 198 5.61 -37.28 4.41
CA VAL C 198 6.63 -36.73 3.52
C VAL C 198 7.79 -37.71 3.46
N VAL C 199 8.19 -38.08 2.25
CA VAL C 199 9.29 -39.02 2.04
C VAL C 199 10.37 -38.32 1.21
N VAL C 200 11.61 -38.45 1.66
CA VAL C 200 12.75 -37.91 0.92
C VAL C 200 13.79 -39.02 0.75
N PRO C 201 14.60 -38.98 -0.29
CA PRO C 201 15.74 -39.89 -0.37
C PRO C 201 16.89 -39.34 0.45
N LEU C 202 18.03 -40.03 0.37
CA LEU C 202 19.22 -39.57 1.07
C LEU C 202 19.74 -38.28 0.44
N SER C 203 20.58 -37.57 1.20
CA SER C 203 21.21 -36.33 0.72
C SER C 203 20.15 -35.30 0.34
N THR C 204 19.05 -35.28 1.11
CA THR C 204 17.94 -34.36 0.86
C THR C 204 17.52 -33.73 2.18
N PRO C 205 17.12 -32.46 2.18
CA PRO C 205 16.61 -31.87 3.42
C PRO C 205 15.40 -32.65 3.92
N ARG C 206 15.44 -33.00 5.21
CA ARG C 206 14.36 -33.76 5.83
C ARG C 206 13.30 -32.86 6.46
N LYS C 207 13.53 -31.55 6.48
CA LYS C 207 12.53 -30.58 6.93
C LYS C 207 12.37 -29.54 5.83
N MET C 208 11.13 -29.22 5.49
CA MET C 208 10.85 -28.21 4.47
C MET C 208 9.68 -27.37 4.96
N ASP C 209 9.36 -26.33 4.19
CA ASP C 209 8.31 -25.38 4.56
C ASP C 209 7.20 -25.40 3.54
N ILE C 210 5.97 -25.21 4.01
CA ILE C 210 4.83 -24.92 3.17
C ILE C 210 4.36 -23.52 3.52
N LEU C 211 3.75 -22.87 2.53
CA LEU C 211 3.20 -21.53 2.65
C LEU C 211 1.70 -21.58 2.39
N GLY C 212 0.95 -20.80 3.15
CA GLY C 212 -0.49 -20.71 2.99
C GLY C 212 -0.88 -19.36 2.39
N PHE C 213 -1.88 -19.40 1.51
CA PHE C 213 -2.45 -18.21 0.90
C PHE C 213 -3.97 -18.30 0.99
N VAL C 214 -4.62 -17.17 1.16
CA VAL C 214 -6.07 -17.09 1.23
C VAL C 214 -6.54 -15.98 0.29
N SER C 215 -7.67 -16.22 -0.37
CA SER C 215 -8.32 -15.19 -1.16
C SER C 215 -9.83 -15.42 -1.15
N ALA C 216 -10.56 -14.44 -1.64
CA ALA C 216 -11.99 -14.54 -1.80
C ALA C 216 -12.33 -15.01 -3.20
N CYS C 217 -13.39 -15.81 -3.32
CA CYS C 217 -13.88 -16.26 -4.61
C CYS C 217 -14.73 -15.18 -5.25
N ASN C 218 -15.23 -15.45 -6.46
CA ASN C 218 -16.03 -14.47 -7.18
C ASN C 218 -17.42 -14.28 -6.60
N ASP C 219 -17.87 -15.16 -5.71
CA ASP C 219 -19.16 -15.01 -5.05
C ASP C 219 -19.07 -14.21 -3.76
N PHE C 220 -17.90 -13.69 -3.42
CA PHE C 220 -17.69 -13.01 -2.15
C PHE C 220 -18.22 -11.59 -2.20
N SER C 221 -18.82 -11.14 -1.09
CA SER C 221 -19.30 -9.78 -0.97
C SER C 221 -19.26 -9.36 0.50
N VAL C 222 -19.26 -8.05 0.73
CA VAL C 222 -19.21 -7.47 2.06
C VAL C 222 -20.25 -6.36 2.14
N ARG C 223 -20.60 -6.00 3.38
CA ARG C 223 -21.61 -4.99 3.62
C ARG C 223 -21.29 -4.25 4.91
N LEU C 224 -21.94 -3.08 5.04
CA LEU C 224 -21.92 -2.25 6.25
C LEU C 224 -20.48 -1.78 6.55
N LEU C 225 -20.02 -0.91 5.67
CA LEU C 225 -18.75 -0.22 5.87
C LEU C 225 -18.61 0.26 7.31
N ARG C 226 -17.41 0.05 7.86
CA ARG C 226 -17.12 0.44 9.23
C ARG C 226 -15.63 0.73 9.36
N ASP C 227 -15.28 1.46 10.41
CA ASP C 227 -13.87 1.71 10.71
C ASP C 227 -13.21 0.44 11.24
N THR C 228 -11.93 0.30 10.93
CA THR C 228 -11.17 -0.88 11.31
C THR C 228 -10.48 -0.66 12.65
N THR C 229 -10.17 -1.77 13.32
CA THR C 229 -9.38 -1.76 14.54
C THR C 229 -7.88 -1.89 14.27
N HIS C 230 -7.47 -1.96 13.00
CA HIS C 230 -6.07 -2.24 12.65
C HIS C 230 -5.20 -1.00 12.61
N ILE C 231 -5.78 0.19 12.68
CA ILE C 231 -5.02 1.44 12.73
C ILE C 231 -5.59 2.31 13.83
N SER C 232 -4.70 2.95 14.59
CA SER C 232 -5.09 3.88 15.63
C SER C 232 -4.10 5.03 15.65
N GLN C 233 -4.53 6.16 16.22
CA GLN C 233 -3.70 7.34 16.36
C GLN C 233 -3.71 7.76 17.83
N GLU C 234 -2.52 8.00 18.37
CA GLU C 234 -2.35 8.38 19.76
C GLU C 234 -2.21 9.89 19.88
N ALA C 235 -2.80 10.45 20.93
CA ALA C 235 -2.69 11.88 21.20
C ALA C 235 -3.14 12.71 20.00
C1 SPH D . -4.43 12.85 -2.08
O1 SPH D . -4.86 11.86 -2.99
C2 SPH D . -5.00 14.23 -2.39
N2 SPH D . -6.29 14.10 -3.00
C3 SPH D . -5.11 15.06 -1.11
O3 SPH D . -3.82 15.16 -0.54
C4 SPH D . -5.62 16.44 -1.39
C5 SPH D . -7.06 16.63 -1.67
C6 SPH D . -7.53 17.77 -2.55
C7 SPH D . -7.00 19.10 -2.03
C8 SPH D . -7.45 20.23 -2.96
C9 SPH D . -6.98 21.58 -2.46
C10 SPH D . -8.07 22.63 -2.64
C11 SPH D . -9.04 22.70 -1.46
C12 SPH D . -9.36 24.16 -1.18
C13 SPH D . -10.52 24.33 -0.21
C14 SPH D . -11.45 25.44 -0.70
C15 SPH D . -12.46 25.81 0.37
C16 SPH D . -11.98 26.94 1.28
C17 SPH D . -12.08 28.29 0.60
C18 SPH D . -13.51 28.79 0.53
#